data_5GJ6
#
_entry.id   5GJ6
#
_cell.length_a   180.904
_cell.length_b   129.782
_cell.length_c   86.818
_cell.angle_alpha   90.000
_cell.angle_beta   115.900
_cell.angle_gamma   90.000
#
_symmetry.space_group_name_H-M   'C 1 2 1'
#
loop_
_entity.id
_entity.type
_entity.pdbx_description
1 polymer 'Outer capsid protein VP4'
2 non-polymer 'SULFATE ION'
3 water water
#
_entity_poly.entity_id   1
_entity_poly.type   'polypeptide(L)'
_entity_poly.pdbx_seq_one_letter_code
;VLDGPYQPVAFKPPNDYWILVNSNSNGVVLEGTNNTDVWVAIISIEPNVNSESRQYSLFGVNKQITVVNTSNKWKFMEMF
RNNSNAEFQHKRTLTSSTKLVGILKHGGRLWTYHGETPNATTDYSTTSNLNEISVTTYAEFYIIPRSQESKCTEYINTGL
;
_entity_poly.pdbx_strand_id   A,B,C,D,E,F,G,H
#
loop_
_chem_comp.id
_chem_comp.type
_chem_comp.name
_chem_comp.formula
SO4 non-polymer 'SULFATE ION' 'O4 S -2'
#
# COMPACT_ATOMS: atom_id res chain seq x y z
N VAL A 1 23.34 11.26 54.88
CA VAL A 1 24.18 11.88 53.87
C VAL A 1 23.42 12.08 52.57
N LEU A 2 22.69 11.06 52.14
CA LEU A 2 22.08 11.06 50.82
C LEU A 2 20.66 10.50 50.81
N ASP A 3 19.71 11.33 50.41
CA ASP A 3 18.29 10.97 50.40
C ASP A 3 17.89 10.28 49.09
N GLY A 4 17.39 9.06 49.20
CA GLY A 4 17.03 8.26 48.04
C GLY A 4 17.50 6.83 48.23
N PRO A 5 17.55 6.05 47.14
CA PRO A 5 17.17 6.44 45.77
C PRO A 5 15.67 6.40 45.54
N TYR A 6 15.18 7.26 44.64
CA TYR A 6 13.78 7.21 44.22
C TYR A 6 13.68 6.66 42.81
N GLN A 7 12.60 5.95 42.53
CA GLN A 7 12.39 5.34 41.21
C GLN A 7 11.88 6.36 40.20
N PRO A 8 12.10 6.10 38.90
CA PRO A 8 11.59 6.99 37.85
C PRO A 8 10.10 7.27 38.01
N VAL A 9 9.75 8.54 38.04
CA VAL A 9 8.38 8.95 38.33
C VAL A 9 8.14 10.38 37.86
N ALA A 10 6.87 10.74 37.69
CA ALA A 10 6.50 12.12 37.40
C ALA A 10 5.95 12.76 38.67
N PHE A 11 6.48 13.92 39.03
CA PHE A 11 6.07 14.61 40.24
C PHE A 11 6.39 16.10 40.18
N LYS A 12 5.83 16.85 41.12
CA LYS A 12 6.14 18.26 41.27
C LYS A 12 7.17 18.44 42.38
N PRO A 13 8.43 18.69 41.99
CA PRO A 13 9.52 18.88 42.96
C PRO A 13 9.26 20.06 43.88
N PRO A 14 9.64 19.93 45.16
CA PRO A 14 9.52 21.08 46.07
C PRO A 14 10.67 22.06 45.85
N ASN A 15 10.43 23.34 46.09
CA ASN A 15 11.47 24.35 45.95
C ASN A 15 12.69 24.07 46.83
N ASP A 16 13.85 24.60 46.42
CA ASP A 16 15.11 24.47 47.16
C ASP A 16 15.55 23.01 47.33
N TYR A 17 15.27 22.18 46.34
CA TYR A 17 15.73 20.80 46.36
C TYR A 17 16.33 20.39 45.02
N TRP A 18 17.58 19.91 45.07
CA TRP A 18 18.22 19.35 43.88
C TRP A 18 17.71 17.95 43.60
N ILE A 19 17.36 17.70 42.34
CA ILE A 19 17.04 16.37 41.88
C ILE A 19 18.25 15.81 41.16
N LEU A 20 18.95 14.89 41.82
CA LEU A 20 20.17 14.31 41.25
C LEU A 20 19.87 12.98 40.56
N VAL A 21 19.79 13.00 39.23
CA VAL A 21 19.42 11.81 38.47
C VAL A 21 20.64 10.98 38.11
N ASN A 22 20.59 9.68 38.44
CA ASN A 22 21.67 8.76 38.12
C ASN A 22 21.44 8.11 36.76
N SER A 23 21.83 8.82 35.70
CA SER A 23 21.61 8.37 34.33
C SER A 23 22.34 7.07 34.02
N ASN A 24 21.71 6.24 33.20
CA ASN A 24 22.36 5.06 32.65
C ASN A 24 22.07 4.95 31.15
N SER A 25 20.81 5.17 30.77
CA SER A 25 20.39 5.12 29.37
C SER A 25 20.95 6.29 28.57
N ASN A 26 20.74 6.24 27.26
CA ASN A 26 21.18 7.33 26.40
C ASN A 26 20.05 7.93 25.57
N GLY A 27 18.83 7.88 26.11
CA GLY A 27 17.70 8.58 25.50
C GLY A 27 17.37 9.83 26.29
N VAL A 28 16.12 9.96 26.71
CA VAL A 28 15.71 11.07 27.55
C VAL A 28 16.00 10.76 29.02
N VAL A 29 16.91 11.52 29.62
CA VAL A 29 17.24 11.35 31.03
C VAL A 29 16.16 11.95 31.91
N LEU A 30 15.52 13.00 31.41
CA LEU A 30 14.76 13.90 32.25
C LEU A 30 13.93 14.89 31.41
N GLU A 31 12.75 15.26 31.90
CA GLU A 31 12.01 16.35 31.28
C GLU A 31 11.06 17.03 32.25
N GLY A 32 10.79 18.31 32.02
CA GLY A 32 9.95 19.08 32.90
C GLY A 32 9.22 20.24 32.22
N THR A 33 7.99 20.49 32.67
CA THR A 33 7.20 21.57 32.12
C THR A 33 6.14 22.05 33.10
N ASN A 34 5.74 23.32 32.95
CA ASN A 34 4.63 23.88 33.71
C ASN A 34 3.45 24.17 32.78
N ASN A 35 3.61 23.75 31.52
CA ASN A 35 2.62 23.95 30.47
C ASN A 35 2.32 25.41 30.13
N THR A 36 3.16 26.34 30.61
CA THR A 36 2.94 27.75 30.31
C THR A 36 4.12 28.41 29.59
N ASP A 37 5.30 28.36 30.20
CA ASP A 37 6.45 29.03 29.59
C ASP A 37 7.77 28.26 29.77
N VAL A 38 7.70 27.03 30.24
CA VAL A 38 8.91 26.22 30.40
C VAL A 38 8.72 24.79 29.90
N TRP A 39 9.59 24.39 28.98
CA TRP A 39 9.70 23.01 28.54
C TRP A 39 11.17 22.65 28.48
N VAL A 40 11.63 21.78 29.37
CA VAL A 40 13.03 21.39 29.34
C VAL A 40 13.17 19.88 29.32
N ALA A 41 14.14 19.40 28.54
CA ALA A 41 14.39 17.97 28.42
C ALA A 41 15.88 17.74 28.30
N ILE A 42 16.44 16.96 29.22
CA ILE A 42 17.86 16.65 29.18
C ILE A 42 18.07 15.32 28.45
N ILE A 43 18.89 15.37 27.41
CA ILE A 43 19.07 14.24 26.51
C ILE A 43 20.50 13.73 26.62
N SER A 44 20.68 12.41 26.49
CA SER A 44 21.97 11.79 26.74
C SER A 44 22.62 11.20 25.49
N ILE A 45 23.93 11.41 25.34
CA ILE A 45 24.68 10.87 24.21
C ILE A 45 25.94 10.17 24.67
N GLU A 46 26.10 8.91 24.27
CA GLU A 46 27.27 8.12 24.62
C GLU A 46 28.54 8.67 23.97
N PRO A 47 29.72 8.29 24.50
CA PRO A 47 31.00 8.77 23.96
C PRO A 47 31.25 8.40 22.50
N ASN A 48 32.08 9.20 21.85
CA ASN A 48 32.54 8.93 20.48
C ASN A 48 31.42 8.77 19.45
N VAL A 49 30.56 9.77 19.35
CA VAL A 49 29.50 9.78 18.36
C VAL A 49 29.74 10.88 17.33
N ASN A 50 29.72 10.51 16.05
CA ASN A 50 29.83 11.48 14.97
C ASN A 50 28.49 12.14 14.70
N SER A 51 28.53 13.33 14.11
CA SER A 51 27.33 14.12 13.88
C SER A 51 26.27 13.33 13.12
N GLU A 52 25.06 13.29 13.69
CA GLU A 52 23.97 12.53 13.10
C GLU A 52 22.64 12.95 13.72
N SER A 53 21.56 12.60 13.05
CA SER A 53 20.22 12.83 13.58
C SER A 53 19.79 11.63 14.42
N ARG A 54 19.21 11.89 15.58
CA ARG A 54 18.66 10.83 16.41
C ARG A 54 17.25 11.19 16.83
N GLN A 55 16.46 10.18 17.16
CA GLN A 55 15.07 10.36 17.50
C GLN A 55 14.88 10.41 19.02
N TYR A 56 14.08 11.37 19.49
CA TYR A 56 13.79 11.48 20.92
C TYR A 56 12.33 11.85 21.15
N SER A 57 11.77 11.34 22.24
CA SER A 57 10.39 11.66 22.60
C SER A 57 10.34 12.77 23.62
N LEU A 58 9.88 13.94 23.19
CA LEU A 58 9.78 15.07 24.09
C LEU A 58 8.32 15.38 24.38
N PHE A 59 7.89 15.07 25.60
CA PHE A 59 6.54 15.38 26.06
C PHE A 59 5.45 14.78 25.17
N GLY A 60 5.66 13.53 24.76
CA GLY A 60 4.65 12.82 23.99
C GLY A 60 4.75 13.04 22.50
N VAL A 61 5.82 13.71 22.07
CA VAL A 61 6.02 14.04 20.66
C VAL A 61 7.43 13.70 20.19
N ASN A 62 7.52 12.84 19.17
CA ASN A 62 8.81 12.44 18.60
C ASN A 62 9.47 13.59 17.87
N LYS A 63 10.76 13.73 18.09
CA LYS A 63 11.49 14.80 17.46
C LYS A 63 12.80 14.31 16.94
N GLN A 64 13.29 15.08 15.99
CA GLN A 64 14.52 14.76 15.30
C GLN A 64 15.53 15.81 15.68
N ILE A 65 16.63 15.35 16.25
CA ILE A 65 17.65 16.25 16.80
C ILE A 65 19.04 15.82 16.35
N THR A 66 19.81 16.77 15.83
CA THR A 66 21.18 16.50 15.45
C THR A 66 22.04 16.48 16.70
N VAL A 67 22.89 15.46 16.81
CA VAL A 67 23.74 15.32 17.98
C VAL A 67 25.18 15.01 17.58
N VAL A 68 26.13 15.39 18.42
CA VAL A 68 27.53 15.09 18.19
C VAL A 68 28.24 14.98 19.53
N ASN A 69 29.16 14.02 19.63
CA ASN A 69 29.93 13.83 20.86
C ASN A 69 31.23 13.11 20.57
N THR A 70 32.20 13.85 20.05
CA THR A 70 33.51 13.30 19.71
C THR A 70 34.32 12.98 20.96
N SER A 71 33.85 13.46 22.10
CA SER A 71 34.56 13.28 23.38
C SER A 71 34.49 11.85 23.90
N ASN A 72 35.27 11.56 24.92
CA ASN A 72 35.28 10.26 25.60
C ASN A 72 34.29 10.23 26.77
N LYS A 73 33.78 11.39 27.14
CA LYS A 73 32.80 11.50 28.21
C LYS A 73 31.39 11.48 27.65
N TRP A 74 30.41 11.24 28.53
CA TRP A 74 29.02 11.28 28.12
C TRP A 74 28.58 12.71 27.97
N LYS A 75 27.70 12.95 26.99
CA LYS A 75 27.23 14.29 26.74
C LYS A 75 25.75 14.40 27.11
N PHE A 76 25.41 15.43 27.87
CA PHE A 76 24.02 15.67 28.24
C PHE A 76 23.57 17.02 27.69
N MET A 77 22.67 16.96 26.72
CA MET A 77 22.18 18.14 26.04
C MET A 77 20.91 18.66 26.68
N GLU A 78 20.85 19.96 26.93
CA GLU A 78 19.67 20.58 27.51
C GLU A 78 18.82 21.25 26.42
N MET A 79 17.64 20.68 26.19
CA MET A 79 16.71 21.20 25.19
C MET A 79 15.69 22.11 25.86
N PHE A 80 15.35 23.22 25.20
CA PHE A 80 14.52 24.23 25.83
C PHE A 80 13.60 24.96 24.85
N ARG A 81 12.45 25.39 25.35
CA ARG A 81 11.54 26.30 24.65
C ARG A 81 10.66 26.97 25.69
N ASN A 82 10.24 28.21 25.43
CA ASN A 82 9.38 28.91 26.36
C ASN A 82 7.96 29.07 25.84
N ASN A 83 7.67 28.35 24.76
CA ASN A 83 6.42 28.47 24.04
C ASN A 83 5.95 27.09 23.57
N SER A 84 4.67 26.80 23.77
CA SER A 84 4.12 25.48 23.43
C SER A 84 4.21 25.16 21.94
N ASN A 85 4.20 26.20 21.10
CA ASN A 85 4.20 26.01 19.66
C ASN A 85 5.58 26.10 19.03
N ALA A 86 6.58 26.51 19.80
CA ALA A 86 7.94 26.64 19.29
C ALA A 86 8.64 25.29 19.20
N GLU A 87 9.75 25.25 18.48
CA GLU A 87 10.60 24.07 18.47
C GLU A 87 11.60 24.17 19.62
N PHE A 88 12.23 23.05 19.95
CA PHE A 88 13.22 23.04 21.02
C PHE A 88 14.57 23.53 20.50
N GLN A 89 15.33 24.19 21.37
CA GLN A 89 16.66 24.65 21.00
C GLN A 89 17.69 24.03 21.92
N HIS A 90 18.87 23.75 21.39
CA HIS A 90 19.97 23.25 22.21
C HIS A 90 20.52 24.39 23.04
N LYS A 91 20.11 24.45 24.30
CA LYS A 91 20.43 25.58 25.17
C LYS A 91 21.80 25.44 25.83
N ARG A 92 22.02 24.35 26.57
CA ARG A 92 23.27 24.15 27.30
C ARG A 92 23.82 22.72 27.18
N THR A 93 25.09 22.55 27.51
CA THR A 93 25.75 21.26 27.42
C THR A 93 26.47 20.88 28.72
N LEU A 94 26.31 19.61 29.14
CA LEU A 94 27.05 19.06 30.28
C LEU A 94 27.85 17.82 29.86
N THR A 95 29.17 17.93 29.92
CA THR A 95 30.06 16.85 29.53
C THR A 95 30.58 16.16 30.80
N SER A 96 30.24 14.89 30.97
CA SER A 96 30.45 14.21 32.25
C SER A 96 31.01 12.80 32.16
N SER A 97 31.88 12.46 33.11
CA SER A 97 32.35 11.10 33.27
C SER A 97 31.58 10.38 34.38
N THR A 98 30.72 11.13 35.06
CA THR A 98 29.96 10.60 36.20
C THR A 98 28.54 10.23 35.82
N LYS A 99 28.08 10.72 34.67
CA LYS A 99 26.73 10.47 34.18
C LYS A 99 25.64 10.99 35.13
N LEU A 100 25.96 12.01 35.91
CA LEU A 100 25.00 12.58 36.85
C LEU A 100 24.45 13.93 36.38
N VAL A 101 23.15 14.11 36.53
CA VAL A 101 22.46 15.32 36.09
C VAL A 101 21.52 15.84 37.17
N GLY A 102 21.56 17.14 37.42
CA GLY A 102 20.70 17.75 38.42
C GLY A 102 19.77 18.83 37.89
N ILE A 103 18.67 19.04 38.60
CA ILE A 103 17.74 20.11 38.28
C ILE A 103 17.19 20.72 39.58
N LEU A 104 17.03 22.04 39.60
CA LEU A 104 16.65 22.74 40.83
C LEU A 104 15.65 23.86 40.60
N LYS A 105 14.66 23.92 41.49
CA LYS A 105 13.72 25.03 41.53
C LYS A 105 14.08 25.96 42.70
N HIS A 106 14.50 27.19 42.37
CA HIS A 106 14.92 28.14 43.40
C HIS A 106 14.91 29.58 42.90
N GLY A 107 14.51 30.49 43.79
CA GLY A 107 14.57 31.92 43.54
C GLY A 107 13.82 32.35 42.30
N GLY A 108 12.70 31.69 42.03
CA GLY A 108 11.90 31.99 40.85
C GLY A 108 12.53 31.48 39.57
N ARG A 109 13.57 30.67 39.71
CA ARG A 109 14.32 30.20 38.55
C ARG A 109 14.52 28.69 38.54
N LEU A 110 14.74 28.16 37.33
CA LEU A 110 15.02 26.73 37.14
C LEU A 110 16.52 26.56 36.88
N TRP A 111 17.17 25.73 37.70
CA TRP A 111 18.62 25.60 37.63
C TRP A 111 19.08 24.23 37.12
N THR A 112 20.16 24.21 36.36
CA THR A 112 20.76 22.99 35.84
C THR A 112 22.29 23.11 35.92
N TYR A 113 23.00 22.01 35.66
CA TYR A 113 24.45 22.05 35.57
C TYR A 113 24.92 22.05 34.12
N HIS A 114 26.02 22.75 33.86
CA HIS A 114 26.64 22.68 32.54
C HIS A 114 28.14 22.89 32.67
N GLY A 115 28.85 22.73 31.56
CA GLY A 115 30.30 22.77 31.56
C GLY A 115 30.87 21.36 31.40
N GLU A 116 32.09 21.15 31.88
CA GLU A 116 32.71 19.83 31.80
C GLU A 116 33.20 19.37 33.17
N THR A 117 32.86 18.15 33.55
CA THR A 117 33.36 17.58 34.80
C THR A 117 34.88 17.47 34.69
N PRO A 118 35.60 17.71 35.81
CA PRO A 118 35.09 17.94 37.17
C PRO A 118 34.79 19.40 37.49
N ASN A 119 34.51 20.23 36.49
CA ASN A 119 34.34 21.65 36.73
C ASN A 119 32.98 22.17 36.26
N ALA A 120 31.95 21.35 36.44
CA ALA A 120 30.59 21.75 36.07
C ALA A 120 30.01 22.72 37.08
N THR A 121 29.33 23.74 36.57
CA THR A 121 28.73 24.78 37.39
C THR A 121 27.27 24.96 37.02
N THR A 122 26.52 25.67 37.86
CA THR A 122 25.08 25.83 37.63
C THR A 122 24.72 27.04 36.77
N ASP A 123 23.54 26.98 36.17
CA ASP A 123 23.00 28.08 35.38
C ASP A 123 21.48 28.00 35.42
N TYR A 124 20.81 29.04 34.92
CA TYR A 124 19.36 29.14 35.12
C TYR A 124 18.55 29.44 33.87
N SER A 125 17.28 29.03 33.90
CA SER A 125 16.30 29.50 32.94
C SER A 125 15.25 30.32 33.70
N THR A 126 14.71 31.34 33.06
CA THR A 126 13.70 32.17 33.70
C THR A 126 12.31 31.61 33.49
N THR A 127 11.43 31.85 34.46
CA THR A 127 10.04 31.44 34.35
C THR A 127 9.13 32.39 35.11
N SER A 128 7.85 32.35 34.75
CA SER A 128 6.84 33.15 35.40
C SER A 128 6.01 32.28 36.32
N ASN A 129 6.33 30.98 36.32
CA ASN A 129 5.44 29.97 36.89
C ASN A 129 6.24 28.78 37.43
N LEU A 130 7.15 29.06 38.35
CA LEU A 130 8.09 28.05 38.82
C LEU A 130 7.42 26.89 39.56
N ASN A 131 6.50 27.21 40.46
CA ASN A 131 5.90 26.21 41.34
C ASN A 131 5.16 25.09 40.59
N GLU A 132 4.63 25.41 39.41
CA GLU A 132 3.82 24.46 38.68
C GLU A 132 4.63 23.56 37.74
N ILE A 133 5.93 23.79 37.67
CA ILE A 133 6.79 22.92 36.89
C ILE A 133 6.82 21.51 37.49
N SER A 134 6.31 20.55 36.74
CA SER A 134 6.41 19.15 37.13
C SER A 134 7.58 18.51 36.38
N VAL A 135 8.18 17.48 36.96
CA VAL A 135 9.36 16.87 36.38
C VAL A 135 9.17 15.36 36.24
N THR A 136 9.61 14.81 35.11
CA THR A 136 9.60 13.36 34.91
C THR A 136 11.02 12.81 34.78
N THR A 137 11.35 11.85 35.62
CA THR A 137 12.65 11.18 35.57
C THR A 137 12.53 9.82 34.90
N TYR A 138 13.59 9.40 34.21
CA TYR A 138 13.58 8.10 33.55
C TYR A 138 14.69 7.20 34.09
N ALA A 139 15.36 7.67 35.13
CA ALA A 139 16.33 6.86 35.86
C ALA A 139 16.23 7.19 37.35
N GLU A 140 16.85 6.37 38.18
CA GLU A 140 16.85 6.59 39.62
C GLU A 140 17.44 7.96 39.95
N PHE A 141 16.89 8.61 40.98
CA PHE A 141 17.40 9.91 41.37
C PHE A 141 17.45 10.08 42.89
N TYR A 142 18.18 11.11 43.32
CA TYR A 142 18.29 11.45 44.73
C TYR A 142 17.81 12.88 44.99
N ILE A 143 17.48 13.16 46.23
CA ILE A 143 17.00 14.46 46.64
C ILE A 143 18.03 15.14 47.55
N ILE A 144 18.45 16.34 47.19
CA ILE A 144 19.48 17.06 47.94
C ILE A 144 19.14 18.54 48.16
N PRO A 145 19.02 18.96 49.43
CA PRO A 145 18.68 20.34 49.82
C PRO A 145 19.67 21.37 49.27
N ARG A 146 19.19 22.57 48.99
CA ARG A 146 20.03 23.63 48.43
C ARG A 146 21.12 24.05 49.40
N SER A 147 20.87 23.85 50.70
CA SER A 147 21.85 24.18 51.73
C SER A 147 23.10 23.29 51.61
N GLN A 148 22.95 22.15 50.92
CA GLN A 148 24.08 21.29 50.64
C GLN A 148 24.37 21.22 49.14
N GLU A 149 24.21 22.36 48.46
CA GLU A 149 24.50 22.43 47.03
C GLU A 149 25.95 22.07 46.73
N SER A 150 26.85 22.43 47.63
CA SER A 150 28.26 22.10 47.48
C SER A 150 28.47 20.59 47.43
N LYS A 151 27.61 19.84 48.08
CA LYS A 151 27.65 18.38 48.03
C LYS A 151 27.19 17.91 46.65
N CYS A 152 26.12 18.53 46.17
CA CYS A 152 25.55 18.20 44.87
C CYS A 152 26.55 18.47 43.73
N THR A 153 27.19 19.63 43.78
CA THR A 153 28.19 20.02 42.78
C THR A 153 29.36 19.04 42.79
N GLU A 154 29.64 18.48 43.96
CA GLU A 154 30.72 17.51 44.08
C GLU A 154 30.35 16.17 43.44
N TYR A 155 29.11 15.73 43.65
CA TYR A 155 28.64 14.47 43.08
C TYR A 155 28.53 14.58 41.56
N ILE A 156 28.01 15.71 41.08
CA ILE A 156 27.94 15.97 39.65
C ILE A 156 29.33 15.84 39.02
N ASN A 157 30.34 16.35 39.71
CA ASN A 157 31.69 16.44 39.15
C ASN A 157 32.62 15.27 39.46
N THR A 158 32.32 14.49 40.50
CA THR A 158 33.20 13.38 40.88
C THR A 158 32.45 12.08 41.11
N GLY A 159 31.12 12.15 41.19
CA GLY A 159 30.31 10.95 41.31
C GLY A 159 30.01 10.55 42.73
N LEU A 160 29.29 9.44 42.88
CA LEU A 160 28.91 8.92 44.18
C LEU A 160 29.94 7.92 44.69
N VAL B 1 8.15 1.52 -12.15
CA VAL B 1 8.65 0.44 -11.29
C VAL B 1 8.29 0.67 -9.83
N LEU B 2 8.52 1.88 -9.33
CA LEU B 2 8.42 2.13 -7.89
C LEU B 2 7.82 3.49 -7.55
N ASP B 3 6.73 3.48 -6.79
CA ASP B 3 5.99 4.69 -6.43
C ASP B 3 6.53 5.34 -5.16
N GLY B 4 7.12 6.53 -5.30
CA GLY B 4 7.68 7.25 -4.18
C GLY B 4 8.92 8.02 -4.57
N PRO B 5 9.70 8.49 -3.59
CA PRO B 5 9.46 8.29 -2.15
C PRO B 5 8.50 9.30 -1.55
N TYR B 6 7.87 8.92 -0.44
CA TYR B 6 7.07 9.84 0.35
C TYR B 6 7.82 10.17 1.63
N GLN B 7 7.60 11.37 2.17
CA GLN B 7 8.28 11.78 3.40
C GLN B 7 7.55 11.25 4.64
N PRO B 8 8.28 11.07 5.75
CA PRO B 8 7.71 10.64 7.03
C PRO B 8 6.44 11.41 7.38
N VAL B 9 5.34 10.68 7.57
CA VAL B 9 4.03 11.30 7.75
C VAL B 9 3.06 10.34 8.40
N ALA B 10 2.03 10.89 9.05
CA ALA B 10 0.93 10.11 9.59
C ALA B 10 -0.23 10.11 8.60
N PHE B 11 -0.75 8.93 8.27
CA PHE B 11 -1.83 8.82 7.30
C PHE B 11 -2.59 7.51 7.42
N LYS B 12 -3.74 7.43 6.75
CA LYS B 12 -4.52 6.21 6.67
C LYS B 12 -4.23 5.50 5.36
N PRO B 13 -3.33 4.51 5.38
CA PRO B 13 -2.97 3.80 4.15
C PRO B 13 -4.15 3.08 3.53
N PRO B 14 -4.26 3.13 2.19
CA PRO B 14 -5.37 2.43 1.53
C PRO B 14 -5.18 0.93 1.58
N ASN B 15 -6.30 0.21 1.53
CA ASN B 15 -6.28 -1.25 1.46
C ASN B 15 -5.50 -1.72 0.23
N ASP B 16 -4.84 -2.87 0.36
CA ASP B 16 -4.09 -3.51 -0.74
C ASP B 16 -2.90 -2.72 -1.27
N TYR B 17 -2.22 -2.01 -0.38
CA TYR B 17 -0.96 -1.37 -0.74
C TYR B 17 0.10 -1.64 0.32
N TRP B 18 1.23 -2.21 -0.11
CA TRP B 18 2.38 -2.33 0.77
C TRP B 18 2.97 -0.97 1.03
N ILE B 19 3.39 -0.74 2.27
CA ILE B 19 4.14 0.46 2.62
C ILE B 19 5.58 0.06 2.92
N LEU B 20 6.47 0.34 1.98
CA LEU B 20 7.85 -0.09 2.08
C LEU B 20 8.73 1.01 2.67
N VAL B 21 9.07 0.90 3.95
CA VAL B 21 9.83 1.92 4.65
C VAL B 21 11.34 1.71 4.53
N ASN B 22 12.04 2.74 4.07
CA ASN B 22 13.48 2.72 3.92
C ASN B 22 14.16 3.33 5.15
N SER B 23 14.21 2.55 6.22
CA SER B 23 14.76 3.03 7.50
C SER B 23 16.26 3.34 7.43
N ASN B 24 16.73 4.16 8.36
CA ASN B 24 18.15 4.52 8.42
C ASN B 24 18.73 4.38 9.83
N SER B 25 18.07 4.98 10.82
CA SER B 25 18.55 4.93 12.19
C SER B 25 17.87 3.79 12.99
N ASN B 26 18.08 3.77 14.30
CA ASN B 26 17.70 2.60 15.09
C ASN B 26 16.73 2.86 16.25
N GLY B 27 15.75 3.73 16.03
CA GLY B 27 14.69 3.93 17.01
C GLY B 27 13.40 3.29 16.54
N VAL B 28 12.33 4.07 16.52
CA VAL B 28 11.07 3.60 15.97
C VAL B 28 11.05 3.85 14.46
N VAL B 29 10.91 2.77 13.68
CA VAL B 29 10.87 2.86 12.23
C VAL B 29 9.47 3.23 11.75
N LEU B 30 8.47 2.76 12.48
CA LEU B 30 7.10 2.77 12.01
C LEU B 30 6.15 2.31 13.12
N GLU B 31 5.03 3.00 13.27
CA GLU B 31 4.00 2.54 14.20
C GLU B 31 2.60 2.78 13.63
N GLY B 32 1.65 1.94 14.05
CA GLY B 32 0.29 2.04 13.55
C GLY B 32 -0.77 1.58 14.53
N THR B 33 -1.91 2.27 14.54
CA THR B 33 -3.00 1.92 15.44
C THR B 33 -4.35 2.36 14.90
N ASN B 34 -5.40 1.70 15.36
CA ASN B 34 -6.77 2.11 15.06
C ASN B 34 -7.47 2.55 16.34
N ASN B 35 -6.70 2.58 17.43
CA ASN B 35 -7.18 2.97 18.75
C ASN B 35 -8.30 2.08 19.29
N THR B 36 -8.43 0.87 18.75
CA THR B 36 -9.42 -0.06 19.25
C THR B 36 -8.81 -1.41 19.62
N ASP B 37 -8.22 -2.09 18.66
CA ASP B 37 -7.68 -3.43 18.93
C ASP B 37 -6.31 -3.69 18.31
N VAL B 38 -5.68 -2.65 17.76
CA VAL B 38 -4.36 -2.81 17.16
C VAL B 38 -3.40 -1.69 17.55
N TRP B 39 -2.22 -2.08 18.01
CA TRP B 39 -1.12 -1.16 18.24
C TRP B 39 0.18 -1.85 17.81
N VAL B 40 0.74 -1.44 16.68
CA VAL B 40 2.00 -2.02 16.22
C VAL B 40 3.10 -0.98 16.17
N ALA B 41 4.26 -1.35 16.67
CA ALA B 41 5.44 -0.51 16.56
C ALA B 41 6.62 -1.38 16.12
N ILE B 42 7.24 -1.01 15.01
CA ILE B 42 8.41 -1.71 14.54
C ILE B 42 9.64 -0.94 14.96
N ILE B 43 10.54 -1.63 15.67
CA ILE B 43 11.66 -0.98 16.33
C ILE B 43 12.97 -1.57 15.83
N SER B 44 13.94 -0.69 15.59
CA SER B 44 15.18 -1.08 14.92
C SER B 44 16.35 -1.24 15.90
N ILE B 45 17.16 -2.28 15.67
CA ILE B 45 18.34 -2.52 16.50
C ILE B 45 19.55 -2.78 15.61
N GLU B 46 20.62 -2.02 15.81
CA GLU B 46 21.83 -2.14 15.01
C GLU B 46 22.57 -3.45 15.30
N PRO B 47 23.46 -3.88 14.38
CA PRO B 47 24.25 -5.11 14.54
C PRO B 47 25.08 -5.19 15.82
N ASN B 48 25.27 -6.41 16.31
CA ASN B 48 26.20 -6.69 17.41
C ASN B 48 25.87 -5.93 18.69
N VAL B 49 24.69 -6.20 19.24
CA VAL B 49 24.26 -5.60 20.49
C VAL B 49 23.94 -6.67 21.52
N ASN B 50 24.60 -6.61 22.66
CA ASN B 50 24.32 -7.54 23.75
C ASN B 50 23.08 -7.11 24.52
N SER B 51 22.42 -8.07 25.15
CA SER B 51 21.14 -7.84 25.82
C SER B 51 21.20 -6.68 26.80
N GLU B 52 20.24 -5.78 26.68
CA GLU B 52 20.19 -4.56 27.47
C GLU B 52 18.85 -3.87 27.30
N SER B 53 18.43 -3.10 28.30
CA SER B 53 17.20 -2.35 28.20
C SER B 53 17.45 -1.06 27.44
N ARG B 54 16.52 -0.70 26.55
CA ARG B 54 16.63 0.53 25.78
C ARG B 54 15.32 1.29 25.78
N GLN B 55 15.43 2.61 25.77
CA GLN B 55 14.25 3.48 25.80
C GLN B 55 13.68 3.67 24.40
N TYR B 56 12.37 3.50 24.26
CA TYR B 56 11.70 3.71 22.99
C TYR B 56 10.39 4.47 23.18
N SER B 57 10.08 5.34 22.23
CA SER B 57 8.84 6.09 22.24
C SER B 57 7.74 5.36 21.47
N LEU B 58 6.80 4.77 22.20
CA LEU B 58 5.69 4.08 21.58
C LEU B 58 4.42 4.91 21.73
N PHE B 59 3.99 5.52 20.62
CA PHE B 59 2.78 6.33 20.60
C PHE B 59 2.84 7.44 21.64
N GLY B 60 3.91 8.22 21.59
CA GLY B 60 4.09 9.34 22.50
C GLY B 60 4.53 8.94 23.90
N VAL B 61 4.73 7.64 24.11
CA VAL B 61 5.07 7.14 25.43
C VAL B 61 6.44 6.48 25.47
N ASN B 62 7.33 7.01 26.31
CA ASN B 62 8.63 6.41 26.53
C ASN B 62 8.54 5.12 27.33
N LYS B 63 8.93 4.02 26.71
CA LYS B 63 8.91 2.71 27.35
C LYS B 63 10.28 2.07 27.34
N GLN B 64 10.54 1.19 28.29
CA GLN B 64 11.77 0.41 28.29
C GLN B 64 11.52 -0.95 27.66
N ILE B 65 12.42 -1.36 26.78
CA ILE B 65 12.30 -2.64 26.10
C ILE B 65 13.66 -3.35 26.11
N THR B 66 13.67 -4.61 26.52
CA THR B 66 14.90 -5.38 26.48
C THR B 66 15.17 -5.83 25.05
N VAL B 67 16.35 -5.50 24.54
CA VAL B 67 16.69 -5.86 23.17
C VAL B 67 18.02 -6.59 23.10
N VAL B 68 18.17 -7.43 22.08
CA VAL B 68 19.41 -8.15 21.87
C VAL B 68 19.57 -8.44 20.38
N ASN B 69 20.79 -8.32 19.88
CA ASN B 69 21.08 -8.62 18.48
C ASN B 69 22.56 -8.91 18.25
N THR B 70 22.95 -10.16 18.38
CA THR B 70 24.37 -10.53 18.28
C THR B 70 24.78 -10.85 16.85
N SER B 71 23.83 -10.72 15.93
CA SER B 71 24.18 -10.86 14.52
C SER B 71 24.74 -9.55 13.96
N ASN B 72 25.26 -9.64 12.75
CA ASN B 72 25.84 -8.52 12.01
C ASN B 72 24.75 -7.84 11.20
N LYS B 73 23.55 -8.42 11.17
CA LYS B 73 22.44 -7.82 10.43
C LYS B 73 21.63 -6.94 11.36
N TRP B 74 20.88 -6.02 10.79
CA TRP B 74 19.99 -5.18 11.56
C TRP B 74 18.77 -5.98 11.99
N LYS B 75 18.20 -5.57 13.12
CA LYS B 75 17.08 -6.30 13.68
C LYS B 75 15.90 -5.38 13.90
N PHE B 76 14.73 -5.82 13.43
CA PHE B 76 13.51 -5.06 13.58
C PHE B 76 12.52 -5.87 14.39
N MET B 77 12.13 -5.33 15.54
CA MET B 77 11.21 -6.02 16.44
C MET B 77 9.80 -5.49 16.25
N GLU B 78 8.86 -6.40 16.02
CA GLU B 78 7.47 -6.02 15.91
C GLU B 78 6.80 -6.11 17.29
N MET B 79 6.67 -4.97 17.95
CA MET B 79 5.96 -4.90 19.22
C MET B 79 4.47 -4.82 18.93
N PHE B 80 3.66 -5.44 19.79
CA PHE B 80 2.23 -5.53 19.54
C PHE B 80 1.40 -5.58 20.82
N ARG B 81 0.18 -5.08 20.72
CA ARG B 81 -0.83 -5.23 21.77
C ARG B 81 -2.18 -5.03 21.13
N ASN B 82 -3.21 -5.70 21.64
CA ASN B 82 -4.55 -5.55 21.10
C ASN B 82 -5.46 -4.80 22.07
N ASN B 83 -4.85 -4.27 23.13
CA ASN B 83 -5.59 -3.61 24.20
C ASN B 83 -4.86 -2.33 24.62
N SER B 84 -5.60 -1.23 24.72
CA SER B 84 -5.00 0.07 25.05
C SER B 84 -4.31 0.06 26.40
N ASN B 85 -4.83 -0.73 27.34
CA ASN B 85 -4.26 -0.82 28.68
C ASN B 85 -3.05 -1.74 28.74
N ALA B 86 -3.01 -2.73 27.86
CA ALA B 86 -1.99 -3.77 27.91
C ALA B 86 -0.58 -3.22 27.72
N GLU B 87 0.41 -4.03 28.10
CA GLU B 87 1.79 -3.73 27.78
C GLU B 87 2.11 -4.30 26.42
N PHE B 88 3.20 -3.84 25.81
CA PHE B 88 3.59 -4.34 24.50
C PHE B 88 4.36 -5.65 24.58
N GLN B 89 4.11 -6.53 23.63
CA GLN B 89 4.83 -7.79 23.54
C GLN B 89 5.67 -7.86 22.27
N HIS B 90 6.83 -8.50 22.36
CA HIS B 90 7.65 -8.76 21.19
C HIS B 90 7.03 -9.92 20.42
N LYS B 91 6.35 -9.61 19.32
CA LYS B 91 5.54 -10.59 18.59
C LYS B 91 6.34 -11.34 17.52
N ARG B 92 7.02 -10.60 16.65
CA ARG B 92 7.83 -11.21 15.59
C ARG B 92 9.16 -10.51 15.42
N THR B 93 10.05 -11.15 14.66
CA THR B 93 11.39 -10.62 14.42
C THR B 93 11.71 -10.61 12.92
N LEU B 94 12.23 -9.49 12.43
CA LEU B 94 12.78 -9.42 11.08
C LEU B 94 14.27 -9.10 11.14
N THR B 95 15.09 -10.01 10.64
CA THR B 95 16.55 -9.82 10.61
C THR B 95 16.98 -9.54 9.18
N SER B 96 17.49 -8.33 8.96
CA SER B 96 17.69 -7.84 7.60
C SER B 96 19.04 -7.18 7.36
N SER B 97 19.60 -7.40 6.18
CA SER B 97 20.78 -6.67 5.74
C SER B 97 20.40 -5.64 4.68
N THR B 98 19.09 -5.39 4.55
CA THR B 98 18.58 -4.41 3.61
C THR B 98 17.96 -3.22 4.33
N LYS B 99 17.62 -3.42 5.59
CA LYS B 99 16.98 -2.40 6.44
C LYS B 99 15.60 -1.98 5.97
N LEU B 100 14.95 -2.82 5.17
CA LEU B 100 13.65 -2.48 4.63
C LEU B 100 12.52 -3.18 5.39
N VAL B 101 11.44 -2.44 5.62
CA VAL B 101 10.32 -2.92 6.42
C VAL B 101 8.99 -2.56 5.76
N GLY B 102 8.11 -3.56 5.65
CA GLY B 102 6.81 -3.34 5.03
C GLY B 102 5.63 -3.60 5.93
N ILE B 103 4.52 -2.93 5.63
CA ILE B 103 3.27 -3.16 6.33
C ILE B 103 2.14 -3.12 5.31
N LEU B 104 1.08 -3.91 5.54
CA LEU B 104 0.03 -4.05 4.55
C LEU B 104 -1.35 -4.29 5.15
N LYS B 105 -2.34 -3.58 4.62
CA LYS B 105 -3.74 -3.82 4.96
C LYS B 105 -4.42 -4.59 3.83
N HIS B 106 -4.80 -5.84 4.13
CA HIS B 106 -5.45 -6.69 3.15
C HIS B 106 -6.27 -7.80 3.80
N GLY B 107 -7.41 -8.13 3.18
CA GLY B 107 -8.23 -9.26 3.58
C GLY B 107 -8.62 -9.24 5.05
N GLY B 108 -8.96 -8.05 5.56
CA GLY B 108 -9.35 -7.91 6.94
C GLY B 108 -8.20 -8.05 7.93
N ARG B 109 -6.98 -8.15 7.41
CA ARG B 109 -5.81 -8.39 8.26
C ARG B 109 -4.67 -7.42 8.02
N LEU B 110 -3.80 -7.31 9.02
CA LEU B 110 -2.61 -6.48 8.96
C LEU B 110 -1.38 -7.35 8.77
N TRP B 111 -0.55 -7.02 7.79
CA TRP B 111 0.58 -7.87 7.40
C TRP B 111 1.94 -7.23 7.61
N THR B 112 2.94 -8.04 7.95
CA THR B 112 4.33 -7.59 8.07
C THR B 112 5.26 -8.67 7.56
N TYR B 113 6.56 -8.39 7.58
CA TYR B 113 7.56 -9.39 7.23
C TYR B 113 8.30 -9.90 8.47
N HIS B 114 8.61 -11.19 8.48
CA HIS B 114 9.43 -11.76 9.54
C HIS B 114 10.41 -12.77 8.94
N GLY B 115 11.32 -13.28 9.77
CA GLY B 115 12.36 -14.18 9.31
C GLY B 115 13.68 -13.47 9.08
N GLU B 116 14.54 -14.05 8.25
CA GLU B 116 15.84 -13.48 7.96
C GLU B 116 16.07 -13.34 6.45
N THR B 117 16.57 -12.18 6.01
CA THR B 117 16.87 -11.98 4.60
C THR B 117 17.98 -12.93 4.17
N PRO B 118 17.95 -13.38 2.90
CA PRO B 118 16.98 -13.06 1.86
C PRO B 118 15.76 -13.97 1.84
N ASN B 119 15.32 -14.46 2.98
CA ASN B 119 14.23 -15.41 3.02
C ASN B 119 13.06 -14.97 3.91
N ALA B 120 12.89 -13.66 4.05
CA ALA B 120 11.80 -13.11 4.84
C ALA B 120 10.45 -13.38 4.16
N THR B 121 9.45 -13.72 4.98
CA THR B 121 8.10 -13.96 4.49
C THR B 121 7.10 -13.13 5.26
N THR B 122 5.88 -13.02 4.73
CA THR B 122 4.85 -12.24 5.40
C THR B 122 4.08 -13.04 6.45
N ASP B 123 3.48 -12.33 7.39
CA ASP B 123 2.61 -12.93 8.39
C ASP B 123 1.62 -11.87 8.83
N TYR B 124 0.62 -12.25 9.61
CA TYR B 124 -0.48 -11.33 9.87
C TYR B 124 -0.86 -11.15 11.33
N SER B 125 -1.46 -10.00 11.63
CA SER B 125 -2.16 -9.80 12.88
C SER B 125 -3.65 -9.64 12.60
N THR B 126 -4.48 -10.13 13.51
CA THR B 126 -5.93 -10.11 13.35
C THR B 126 -6.52 -8.80 13.88
N THR B 127 -7.57 -8.29 13.24
CA THR B 127 -8.21 -7.07 13.69
C THR B 127 -9.69 -7.02 13.34
N SER B 128 -10.43 -6.23 14.10
CA SER B 128 -11.85 -6.03 13.87
C SER B 128 -12.11 -4.72 13.14
N ASN B 129 -11.07 -3.90 13.06
CA ASN B 129 -11.19 -2.53 12.59
C ASN B 129 -10.03 -2.14 11.68
N LEU B 130 -9.88 -2.86 10.58
CA LEU B 130 -8.71 -2.70 9.71
C LEU B 130 -8.63 -1.33 9.05
N ASN B 131 -9.76 -0.85 8.52
CA ASN B 131 -9.77 0.38 7.75
C ASN B 131 -9.32 1.61 8.56
N GLU B 132 -9.66 1.64 9.84
CA GLU B 132 -9.36 2.79 10.68
C GLU B 132 -7.91 2.83 11.15
N ILE B 133 -7.13 1.83 10.77
CA ILE B 133 -5.72 1.79 11.13
C ILE B 133 -4.95 2.92 10.46
N SER B 134 -4.44 3.85 11.27
CA SER B 134 -3.57 4.90 10.78
C SER B 134 -2.12 4.49 10.99
N VAL B 135 -1.24 5.00 10.16
CA VAL B 135 0.15 4.56 10.16
C VAL B 135 1.09 5.77 10.17
N THR B 136 2.06 5.77 11.08
CA THR B 136 3.07 6.83 11.11
C THR B 136 4.45 6.29 10.78
N THR B 137 5.06 6.85 9.74
CA THR B 137 6.41 6.46 9.34
C THR B 137 7.41 7.50 9.84
N TYR B 138 8.64 7.07 10.05
CA TYR B 138 9.66 7.99 10.56
C TYR B 138 10.86 8.04 9.62
N ALA B 139 10.82 7.23 8.57
CA ALA B 139 11.80 7.31 7.50
C ALA B 139 11.09 7.31 6.15
N GLU B 140 11.82 7.65 5.09
CA GLU B 140 11.29 7.63 3.73
C GLU B 140 10.62 6.30 3.42
N PHE B 141 9.56 6.33 2.62
CA PHE B 141 8.88 5.11 2.26
C PHE B 141 8.29 5.13 0.85
N TYR B 142 8.01 3.94 0.33
CA TYR B 142 7.43 3.78 -0.99
C TYR B 142 6.09 3.07 -0.92
N ILE B 143 5.39 3.03 -2.03
CA ILE B 143 4.06 2.44 -2.09
C ILE B 143 4.01 1.38 -3.20
N ILE B 144 3.61 0.16 -2.82
CA ILE B 144 3.58 -0.97 -3.76
C ILE B 144 2.28 -1.76 -3.64
N PRO B 145 1.56 -1.92 -4.76
CA PRO B 145 0.30 -2.67 -4.79
C PRO B 145 0.49 -4.15 -4.46
N ARG B 146 -0.55 -4.78 -3.92
CA ARG B 146 -0.45 -6.18 -3.51
C ARG B 146 -0.27 -7.12 -4.71
N SER B 147 -0.77 -6.69 -5.87
CA SER B 147 -0.59 -7.47 -7.10
C SER B 147 0.89 -7.53 -7.50
N GLN B 148 1.70 -6.70 -6.86
CA GLN B 148 3.15 -6.73 -7.06
C GLN B 148 3.89 -7.14 -5.78
N GLU B 149 3.22 -7.91 -4.93
CA GLU B 149 3.83 -8.33 -3.66
C GLU B 149 5.14 -9.08 -3.87
N SER B 150 5.22 -9.86 -4.94
CA SER B 150 6.44 -10.59 -5.27
C SER B 150 7.63 -9.64 -5.39
N LYS B 151 7.38 -8.47 -6.00
CA LYS B 151 8.40 -7.44 -6.11
C LYS B 151 8.75 -6.85 -4.74
N CYS B 152 7.72 -6.68 -3.90
CA CYS B 152 7.91 -6.14 -2.57
C CYS B 152 8.75 -7.07 -1.71
N THR B 153 8.39 -8.35 -1.71
CA THR B 153 9.13 -9.37 -1.01
C THR B 153 10.58 -9.42 -1.49
N GLU B 154 10.75 -9.16 -2.78
CA GLU B 154 12.08 -9.15 -3.38
C GLU B 154 12.92 -8.00 -2.85
N TYR B 155 12.31 -6.82 -2.70
CA TYR B 155 13.02 -5.65 -2.20
C TYR B 155 13.31 -5.78 -0.70
N ILE B 156 12.36 -6.35 0.03
CA ILE B 156 12.57 -6.62 1.46
C ILE B 156 13.79 -7.52 1.66
N ASN B 157 13.95 -8.49 0.78
CA ASN B 157 15.00 -9.50 0.94
C ASN B 157 16.34 -9.17 0.29
N THR B 158 16.35 -8.31 -0.73
CA THR B 158 17.59 -7.99 -1.43
C THR B 158 17.87 -6.50 -1.55
N GLY B 159 16.91 -5.67 -1.18
CA GLY B 159 17.10 -4.23 -1.19
C GLY B 159 16.69 -3.58 -2.49
N LEU B 160 16.79 -2.24 -2.52
CA LEU B 160 16.43 -1.49 -3.70
C LEU B 160 17.59 -1.42 -4.70
N VAL C 1 14.51 -32.08 40.64
CA VAL C 1 14.03 -30.79 40.15
C VAL C 1 14.07 -30.79 38.61
N LEU C 2 14.56 -31.89 38.04
CA LEU C 2 14.61 -32.05 36.59
C LEU C 2 14.79 -33.53 36.20
N ASP C 3 13.80 -34.06 35.48
CA ASP C 3 13.77 -35.48 35.11
C ASP C 3 14.42 -35.75 33.76
N GLY C 4 15.51 -36.49 33.77
CA GLY C 4 16.26 -36.77 32.55
C GLY C 4 17.75 -36.84 32.84
N PRO C 5 18.58 -36.96 31.80
CA PRO C 5 18.17 -37.01 30.39
C PRO C 5 17.58 -38.34 29.94
N TYR C 6 16.73 -38.29 28.93
CA TYR C 6 16.23 -39.48 28.27
C TYR C 6 16.90 -39.60 26.90
N GLN C 7 16.88 -40.81 26.34
CA GLN C 7 17.44 -41.02 25.01
C GLN C 7 16.38 -40.78 23.94
N PRO C 8 16.82 -40.36 22.73
CA PRO C 8 15.91 -40.08 21.60
C PRO C 8 14.90 -41.20 21.39
N VAL C 9 13.62 -40.83 21.31
CA VAL C 9 12.54 -41.82 21.27
C VAL C 9 11.24 -41.19 20.76
N ALA C 10 10.31 -42.02 20.32
CA ALA C 10 8.99 -41.55 19.88
C ALA C 10 7.92 -41.94 20.91
N PHE C 11 7.11 -40.97 21.29
CA PHE C 11 6.09 -41.17 22.32
C PHE C 11 5.05 -40.06 22.25
N LYS C 12 3.91 -40.28 22.92
CA LYS C 12 2.92 -39.22 23.05
C LYS C 12 3.09 -38.57 24.43
N PRO C 13 3.56 -37.31 24.44
CA PRO C 13 3.80 -36.61 25.71
C PRO C 13 2.50 -36.32 26.43
N PRO C 14 2.50 -36.44 27.77
CA PRO C 14 1.32 -36.08 28.54
C PRO C 14 1.10 -34.57 28.50
N ASN C 15 -0.13 -34.13 28.68
CA ASN C 15 -0.40 -32.70 28.69
C ASN C 15 0.22 -32.06 29.94
N ASP C 16 0.62 -30.79 29.81
CA ASP C 16 1.19 -29.98 30.88
C ASP C 16 2.60 -30.43 31.31
N TYR C 17 3.40 -30.84 30.34
CA TYR C 17 4.80 -31.15 30.60
C TYR C 17 5.68 -30.64 29.46
N TRP C 18 6.59 -29.72 29.78
CA TRP C 18 7.57 -29.29 28.78
C TRP C 18 8.53 -30.42 28.47
N ILE C 19 8.80 -30.64 27.19
CA ILE C 19 9.88 -31.51 26.79
C ILE C 19 11.06 -30.64 26.36
N LEU C 20 12.11 -30.68 27.16
CA LEU C 20 13.27 -29.83 26.96
C LEU C 20 14.37 -30.61 26.24
N VAL C 21 14.55 -30.34 24.95
CA VAL C 21 15.52 -31.09 24.16
C VAL C 21 16.90 -30.42 24.17
N ASN C 22 17.93 -31.23 24.34
CA ASN C 22 19.31 -30.73 24.33
C ASN C 22 20.00 -31.05 23.02
N SER C 23 19.76 -30.22 22.00
CA SER C 23 20.33 -30.40 20.67
C SER C 23 21.86 -30.44 20.69
N ASN C 24 22.45 -31.11 19.71
CA ASN C 24 23.91 -31.09 19.58
C ASN C 24 24.38 -30.76 18.15
N SER C 25 23.81 -31.43 17.15
CA SER C 25 24.23 -31.19 15.77
C SER C 25 23.11 -30.56 14.95
N ASN C 26 23.46 -30.04 13.77
CA ASN C 26 22.48 -29.43 12.89
C ASN C 26 21.67 -30.50 12.16
N GLY C 27 20.37 -30.24 12.02
CA GLY C 27 19.47 -31.21 11.43
C GLY C 27 18.13 -31.19 12.14
N VAL C 28 17.38 -32.29 12.03
CA VAL C 28 16.06 -32.37 12.65
C VAL C 28 16.19 -32.66 14.14
N VAL C 29 15.88 -31.67 14.97
CA VAL C 29 15.97 -31.81 16.42
C VAL C 29 14.81 -32.64 16.96
N LEU C 30 13.60 -32.32 16.53
CA LEU C 30 12.41 -33.11 16.87
C LEU C 30 11.28 -32.87 15.87
N GLU C 31 10.27 -33.73 15.93
CA GLU C 31 9.10 -33.58 15.07
C GLU C 31 7.86 -34.15 15.75
N GLY C 32 6.71 -33.53 15.51
CA GLY C 32 5.47 -33.96 16.13
C GLY C 32 4.27 -33.80 15.22
N THR C 33 3.28 -34.68 15.38
CA THR C 33 2.08 -34.62 14.55
C THR C 33 0.92 -35.38 15.18
N ASN C 34 -0.30 -34.98 14.81
CA ASN C 34 -1.50 -35.73 15.18
C ASN C 34 -2.20 -36.27 13.94
N ASN C 35 -1.55 -36.11 12.80
CA ASN C 35 -2.05 -36.59 11.52
C ASN C 35 -3.42 -36.03 11.11
N THR C 36 -3.81 -34.91 11.70
CA THR C 36 -5.06 -34.27 11.31
C THR C 36 -4.90 -32.78 11.00
N ASP C 37 -4.32 -32.01 11.92
CA ASP C 37 -4.18 -30.58 11.68
C ASP C 37 -2.87 -29.98 12.20
N VAL C 38 -1.94 -30.83 12.62
CA VAL C 38 -0.64 -30.34 13.09
C VAL C 38 0.54 -31.18 12.62
N TRP C 39 1.50 -30.53 11.98
CA TRP C 39 2.80 -31.11 11.70
C TRP C 39 3.88 -30.10 12.07
N VAL C 40 4.72 -30.42 13.06
CA VAL C 40 5.80 -29.53 13.45
C VAL C 40 7.14 -30.22 13.37
N ALA C 41 8.15 -29.50 12.91
CA ALA C 41 9.52 -29.99 12.92
C ALA C 41 10.46 -28.85 13.26
N ILE C 42 11.31 -29.06 14.26
CA ILE C 42 12.29 -28.05 14.59
C ILE C 42 13.65 -28.48 14.06
N ILE C 43 14.19 -27.64 13.18
CA ILE C 43 15.39 -27.97 12.43
C ILE C 43 16.54 -27.06 12.84
N SER C 44 17.71 -27.64 13.07
CA SER C 44 18.84 -26.90 13.60
C SER C 44 19.83 -26.49 12.52
N ILE C 45 20.30 -25.25 12.60
CA ILE C 45 21.29 -24.72 11.66
C ILE C 45 22.46 -24.11 12.44
N GLU C 46 23.67 -24.56 12.14
CA GLU C 46 24.87 -24.10 12.82
C GLU C 46 25.13 -22.62 12.52
N PRO C 47 25.95 -21.95 13.35
CA PRO C 47 26.25 -20.53 13.13
C PRO C 47 26.92 -20.20 11.80
N ASN C 48 26.83 -18.94 11.40
CA ASN C 48 27.50 -18.40 10.21
C ASN C 48 27.26 -19.19 8.93
N VAL C 49 25.99 -19.29 8.55
CA VAL C 49 25.60 -19.95 7.32
C VAL C 49 24.94 -18.98 6.36
N ASN C 50 25.50 -18.84 5.16
CA ASN C 50 24.87 -18.04 4.12
C ASN C 50 23.69 -18.80 3.53
N SER C 51 22.77 -18.07 2.90
CA SER C 51 21.54 -18.67 2.39
C SER C 51 21.82 -19.79 1.39
N GLU C 52 21.28 -20.96 1.67
CA GLU C 52 21.49 -22.14 0.84
C GLU C 52 20.37 -23.14 1.06
N SER C 53 20.22 -24.06 0.12
CA SER C 53 19.18 -25.08 0.21
C SER C 53 19.73 -26.35 0.85
N ARG C 54 18.97 -26.90 1.79
CA ARG C 54 19.37 -28.14 2.46
C ARG C 54 18.24 -29.16 2.45
N GLN C 55 18.60 -30.44 2.54
CA GLN C 55 17.60 -31.50 2.51
C GLN C 55 17.39 -32.12 3.89
N TYR C 56 16.13 -32.26 4.28
CA TYR C 56 15.79 -32.88 5.55
C TYR C 56 14.75 -33.98 5.37
N SER C 57 14.70 -34.93 6.30
CA SER C 57 13.71 -35.98 6.27
C SER C 57 12.57 -35.68 7.24
N LEU C 58 11.47 -35.14 6.71
CA LEU C 58 10.34 -34.77 7.55
C LEU C 58 9.21 -35.78 7.41
N PHE C 59 9.02 -36.59 8.46
CA PHE C 59 7.96 -37.60 8.49
C PHE C 59 8.06 -38.60 7.34
N GLY C 60 9.28 -39.05 7.05
CA GLY C 60 9.49 -40.05 6.02
C GLY C 60 9.65 -39.50 4.62
N VAL C 61 9.32 -38.22 4.44
CA VAL C 61 9.44 -37.57 3.14
C VAL C 61 10.63 -36.62 3.09
N ASN C 62 11.44 -36.73 2.04
CA ASN C 62 12.56 -35.84 1.85
C ASN C 62 12.10 -34.45 1.43
N LYS C 63 12.64 -33.43 2.09
CA LYS C 63 12.23 -32.05 1.83
C LYS C 63 13.42 -31.14 1.57
N GLN C 64 13.24 -30.21 0.65
CA GLN C 64 14.23 -29.16 0.40
C GLN C 64 13.79 -27.87 1.07
N ILE C 65 14.60 -27.40 2.01
CA ILE C 65 14.32 -26.16 2.73
C ILE C 65 15.46 -25.18 2.55
N THR C 66 15.13 -23.92 2.26
CA THR C 66 16.13 -22.88 2.18
C THR C 66 16.40 -22.34 3.58
N VAL C 67 17.67 -22.34 3.98
CA VAL C 67 18.05 -21.90 5.32
C VAL C 67 19.08 -20.77 5.26
N VAL C 68 19.20 -20.04 6.36
CA VAL C 68 20.20 -19.00 6.48
C VAL C 68 20.42 -18.69 7.95
N ASN C 69 21.67 -18.44 8.32
CA ASN C 69 21.99 -18.12 9.70
C ASN C 69 23.32 -17.38 9.76
N THR C 70 23.25 -16.05 9.81
CA THR C 70 24.42 -15.22 9.59
C THR C 70 24.95 -14.73 10.97
N SER C 71 24.34 -15.25 12.03
CA SER C 71 24.73 -14.96 13.42
C SER C 71 25.75 -15.97 13.96
N ASN C 72 26.29 -15.66 15.15
CA ASN C 72 27.21 -16.55 15.86
C ASN C 72 26.48 -17.58 16.73
N LYS C 73 25.16 -17.42 16.82
CA LYS C 73 24.33 -18.34 17.58
C LYS C 73 23.77 -19.43 16.68
N TRP C 74 23.31 -20.51 17.30
CA TRP C 74 22.63 -21.55 16.55
C TRP C 74 21.22 -21.07 16.22
N LYS C 75 20.66 -21.61 15.16
CA LYS C 75 19.34 -21.21 14.74
C LYS C 75 18.43 -22.41 14.63
N PHE C 76 17.29 -22.35 15.33
CA PHE C 76 16.31 -23.41 15.24
C PHE C 76 15.07 -22.91 14.51
N MET C 77 14.75 -23.58 13.40
CA MET C 77 13.62 -23.19 12.58
C MET C 77 12.42 -24.07 12.89
N GLU C 78 11.30 -23.45 13.22
CA GLU C 78 10.06 -24.21 13.39
C GLU C 78 9.31 -24.30 12.07
N MET C 79 9.34 -25.49 11.47
CA MET C 79 8.59 -25.74 10.24
C MET C 79 7.21 -26.28 10.60
N PHE C 80 6.18 -25.72 9.97
CA PHE C 80 4.81 -26.05 10.34
C PHE C 80 3.89 -26.17 9.13
N ARG C 81 2.88 -27.02 9.29
CA ARG C 81 1.76 -27.10 8.35
C ARG C 81 0.57 -27.65 9.11
N ASN C 82 -0.63 -27.27 8.69
CA ASN C 82 -1.83 -27.72 9.36
C ASN C 82 -2.68 -28.61 8.46
N ASN C 83 -2.08 -29.02 7.35
CA ASN C 83 -2.75 -29.81 6.33
C ASN C 83 -1.78 -30.84 5.76
N SER C 84 -2.21 -32.08 5.65
CA SER C 84 -1.32 -33.15 5.20
C SER C 84 -0.87 -32.98 3.75
N ASN C 85 -1.69 -32.30 2.94
CA ASN C 85 -1.38 -32.10 1.53
C ASN C 85 -0.58 -30.83 1.25
N ALA C 86 -0.29 -30.06 2.29
CA ALA C 86 0.41 -28.79 2.14
C ALA C 86 1.93 -28.96 2.26
N GLU C 87 2.66 -27.94 1.84
CA GLU C 87 4.10 -27.89 2.07
C GLU C 87 4.36 -27.22 3.43
N PHE C 88 5.57 -27.41 3.94
CA PHE C 88 5.93 -26.81 5.22
C PHE C 88 6.28 -25.34 5.06
N GLN C 89 5.89 -24.54 6.05
CA GLN C 89 6.25 -23.13 6.07
C GLN C 89 7.16 -22.85 7.26
N HIS C 90 8.12 -21.95 7.06
CA HIS C 90 8.96 -21.49 8.15
C HIS C 90 8.13 -20.57 9.04
N LYS C 91 7.59 -21.13 10.12
CA LYS C 91 6.65 -20.41 10.97
C LYS C 91 7.33 -19.48 11.97
N ARG C 92 8.28 -20.02 12.73
CA ARG C 92 8.99 -19.24 13.75
C ARG C 92 10.48 -19.57 13.83
N THR C 93 11.22 -18.74 14.57
CA THR C 93 12.66 -18.91 14.71
C THR C 93 13.10 -18.76 16.16
N LEU C 94 13.98 -19.65 16.60
CA LEU C 94 14.62 -19.51 17.90
C LEU C 94 16.13 -19.39 17.70
N THR C 95 16.69 -18.25 18.09
CA THR C 95 18.13 -18.01 17.94
C THR C 95 18.81 -18.14 19.29
N SER C 96 19.57 -19.21 19.46
CA SER C 96 20.02 -19.62 20.80
C SER C 96 21.52 -19.87 20.90
N SER C 97 22.08 -19.49 22.04
CA SER C 97 23.46 -19.80 22.34
C SER C 97 23.56 -21.00 23.30
N THR C 98 22.40 -21.54 23.68
CA THR C 98 22.34 -22.65 24.62
C THR C 98 21.96 -23.96 23.94
N LYS C 99 21.39 -23.87 22.75
CA LYS C 99 21.01 -25.03 21.94
C LYS C 99 19.91 -25.87 22.58
N LEU C 100 19.15 -25.28 23.50
CA LEU C 100 18.03 -25.98 24.12
C LEU C 100 16.71 -25.60 23.44
N VAL C 101 15.81 -26.57 23.31
CA VAL C 101 14.55 -26.37 22.61
C VAL C 101 13.40 -27.01 23.39
N GLY C 102 12.28 -26.29 23.50
CA GLY C 102 11.13 -26.78 24.22
C GLY C 102 9.87 -26.97 23.40
N ILE C 103 9.03 -27.90 23.85
CA ILE C 103 7.73 -28.13 23.25
C ILE C 103 6.76 -28.60 24.35
N LEU C 104 5.52 -28.16 24.28
CA LEU C 104 4.56 -28.42 25.35
C LEU C 104 3.13 -28.49 24.83
N LYS C 105 2.35 -29.41 25.38
CA LYS C 105 0.92 -29.49 25.09
C LYS C 105 0.11 -28.96 26.26
N HIS C 106 -0.64 -27.89 26.02
CA HIS C 106 -1.44 -27.26 27.08
C HIS C 106 -2.57 -26.40 26.52
N GLY C 107 -3.76 -26.56 27.11
CA GLY C 107 -4.92 -25.75 26.80
C GLY C 107 -5.29 -25.69 25.33
N GLY C 108 -5.42 -26.86 24.72
CA GLY C 108 -5.79 -26.96 23.31
C GLY C 108 -4.77 -26.34 22.37
N ARG C 109 -3.54 -26.19 22.84
CA ARG C 109 -2.51 -25.49 22.06
C ARG C 109 -1.15 -26.16 22.17
N LEU C 110 -0.35 -25.99 21.13
CA LEU C 110 1.04 -26.48 21.13
C LEU C 110 2.00 -25.31 21.26
N TRP C 111 2.82 -25.35 22.32
CA TRP C 111 3.69 -24.23 22.63
C TRP C 111 5.15 -24.54 22.33
N THR C 112 5.85 -23.55 21.80
CA THR C 112 7.29 -23.63 21.57
C THR C 112 7.92 -22.32 22.02
N TYR C 113 9.24 -22.23 21.92
CA TYR C 113 9.96 -20.99 22.19
C TYR C 113 10.47 -20.35 20.89
N HIS C 114 10.18 -19.07 20.71
CA HIS C 114 10.91 -18.22 19.78
C HIS C 114 11.65 -17.07 20.42
N GLY C 115 12.39 -16.37 19.56
CA GLY C 115 13.07 -15.14 19.92
C GLY C 115 14.56 -15.34 19.88
N GLU C 116 15.27 -14.44 20.53
CA GLU C 116 16.71 -14.60 20.69
C GLU C 116 17.05 -14.66 22.18
N THR C 117 17.84 -15.66 22.55
CA THR C 117 18.33 -15.78 23.92
C THR C 117 19.19 -14.55 24.26
N PRO C 118 19.17 -14.12 25.53
CA PRO C 118 18.46 -14.73 26.66
C PRO C 118 17.06 -14.15 26.86
N ASN C 119 16.37 -13.82 25.78
CA ASN C 119 15.03 -13.24 25.89
C ASN C 119 13.96 -14.02 25.12
N ALA C 120 14.18 -15.32 24.95
CA ALA C 120 13.22 -16.15 24.23
C ALA C 120 11.93 -16.30 25.01
N THR C 121 10.81 -16.27 24.31
CA THR C 121 9.49 -16.39 24.92
C THR C 121 8.68 -17.48 24.24
N THR C 122 7.64 -17.95 24.92
CA THR C 122 6.76 -18.96 24.36
C THR C 122 5.73 -18.36 23.39
N ASP C 123 5.33 -19.17 22.42
CA ASP C 123 4.27 -18.80 21.49
C ASP C 123 3.56 -20.10 21.11
N TYR C 124 2.39 -20.01 20.51
CA TYR C 124 1.55 -21.19 20.34
C TYR C 124 1.10 -21.46 18.91
N SER C 125 0.68 -22.71 18.69
CA SER C 125 -0.05 -23.08 17.49
C SER C 125 -1.38 -23.70 17.91
N THR C 126 -2.40 -23.51 17.08
CA THR C 126 -3.74 -23.98 17.37
C THR C 126 -3.95 -25.42 16.86
N THR C 127 -4.77 -26.18 17.58
CA THR C 127 -5.16 -27.52 17.14
C THR C 127 -6.54 -27.89 17.67
N SER C 128 -7.26 -28.71 16.92
CA SER C 128 -8.55 -29.23 17.36
C SER C 128 -8.38 -30.61 17.97
N ASN C 129 -7.14 -31.10 17.95
CA ASN C 129 -6.83 -32.46 18.36
C ASN C 129 -5.49 -32.54 19.09
N LEU C 130 -5.41 -31.89 20.24
CA LEU C 130 -4.15 -31.75 20.96
C LEU C 130 -3.60 -33.07 21.49
N ASN C 131 -4.46 -33.86 22.13
CA ASN C 131 -4.02 -35.06 22.83
C ASN C 131 -3.36 -36.10 21.92
N GLU C 132 -3.71 -36.10 20.64
CA GLU C 132 -3.21 -37.12 19.72
C GLU C 132 -1.81 -36.81 19.16
N ILE C 133 -1.25 -35.68 19.55
CA ILE C 133 0.06 -35.30 19.04
C ILE C 133 1.17 -36.15 19.65
N SER C 134 1.85 -36.91 18.79
CA SER C 134 2.98 -37.72 19.22
C SER C 134 4.28 -37.06 18.77
N VAL C 135 5.33 -37.21 19.55
CA VAL C 135 6.58 -36.49 19.31
C VAL C 135 7.77 -37.44 19.19
N THR C 136 8.62 -37.16 18.20
CA THR C 136 9.89 -37.86 18.06
C THR C 136 11.05 -36.92 18.33
N THR C 137 11.86 -37.25 19.33
CA THR C 137 13.09 -36.51 19.61
C THR C 137 14.27 -37.15 18.90
N TYR C 138 15.29 -36.36 18.60
CA TYR C 138 16.49 -36.88 17.96
C TYR C 138 17.72 -36.50 18.76
N ALA C 139 17.48 -36.11 20.01
CA ALA C 139 18.54 -35.76 20.93
C ALA C 139 18.05 -36.03 22.34
N GLU C 140 18.97 -35.99 23.30
CA GLU C 140 18.60 -36.18 24.70
C GLU C 140 17.67 -35.07 25.15
N PHE C 141 16.71 -35.43 25.99
CA PHE C 141 15.73 -34.44 26.45
C PHE C 141 15.36 -34.63 27.91
N TYR C 142 14.67 -33.64 28.46
CA TYR C 142 14.24 -33.67 29.85
C TYR C 142 12.73 -33.42 29.95
N ILE C 143 12.17 -33.71 31.12
CA ILE C 143 10.75 -33.46 31.35
C ILE C 143 10.57 -32.46 32.49
N ILE C 144 9.75 -31.44 32.25
CA ILE C 144 9.49 -30.40 33.24
C ILE C 144 8.00 -30.14 33.34
N PRO C 145 7.45 -30.12 34.56
CA PRO C 145 6.03 -29.78 34.72
C PRO C 145 5.77 -28.33 34.34
N ARG C 146 4.55 -28.05 33.87
CA ARG C 146 4.16 -26.70 33.49
C ARG C 146 4.23 -25.75 34.68
N SER C 147 4.07 -26.30 35.88
CA SER C 147 4.13 -25.51 37.11
C SER C 147 5.50 -24.87 37.32
N GLN C 148 6.52 -25.41 36.64
CA GLN C 148 7.88 -24.87 36.74
C GLN C 148 8.34 -24.27 35.41
N GLU C 149 7.41 -23.68 34.67
CA GLU C 149 7.71 -23.15 33.34
C GLU C 149 8.71 -21.99 33.36
N SER C 150 8.69 -21.19 34.42
CA SER C 150 9.58 -20.03 34.49
C SER C 150 11.03 -20.47 34.62
N LYS C 151 11.25 -21.68 35.11
CA LYS C 151 12.60 -22.25 35.18
C LYS C 151 12.98 -22.88 33.84
N CYS C 152 11.99 -23.42 33.14
CA CYS C 152 12.19 -23.92 31.78
C CYS C 152 12.63 -22.79 30.87
N THR C 153 11.92 -21.67 30.95
CA THR C 153 12.27 -20.45 30.22
C THR C 153 13.70 -20.02 30.55
N GLU C 154 14.06 -20.15 31.82
CA GLU C 154 15.40 -19.84 32.29
C GLU C 154 16.45 -20.72 31.60
N TYR C 155 16.19 -22.01 31.54
CA TYR C 155 17.13 -22.96 30.94
C TYR C 155 17.24 -22.74 29.42
N ILE C 156 16.11 -22.48 28.77
CA ILE C 156 16.10 -22.20 27.34
C ILE C 156 17.02 -21.02 27.04
N ASN C 157 17.02 -20.03 27.94
CA ASN C 157 17.72 -18.79 27.73
C ASN C 157 19.15 -18.73 28.28
N THR C 158 19.42 -19.44 29.37
CA THR C 158 20.74 -19.36 29.99
C THR C 158 21.45 -20.72 30.12
N GLY C 159 20.71 -21.81 29.94
CA GLY C 159 21.30 -23.12 29.96
C GLY C 159 21.19 -23.80 31.31
N LEU C 160 22.02 -24.84 31.51
CA LEU C 160 21.95 -25.65 32.71
C LEU C 160 23.21 -25.53 33.57
N VAL D 1 -29.20 -17.56 47.78
CA VAL D 1 -28.56 -18.29 46.68
C VAL D 1 -28.60 -17.45 45.39
N LEU D 2 -29.62 -16.60 45.27
CA LEU D 2 -29.79 -15.76 44.09
C LEU D 2 -29.98 -14.29 44.46
N ASP D 3 -29.05 -13.44 44.03
CA ASP D 3 -29.04 -12.03 44.41
C ASP D 3 -29.85 -11.15 43.45
N GLY D 4 -30.91 -10.54 43.97
CA GLY D 4 -31.78 -9.70 43.16
C GLY D 4 -33.21 -9.77 43.67
N PRO D 5 -34.15 -9.13 42.97
CA PRO D 5 -33.97 -8.43 41.69
C PRO D 5 -33.43 -7.01 41.82
N TYR D 6 -32.75 -6.54 40.78
CA TYR D 6 -32.26 -5.17 40.71
C TYR D 6 -33.07 -4.38 39.69
N GLN D 7 -33.29 -3.10 39.96
CA GLN D 7 -33.95 -2.22 39.01
C GLN D 7 -33.05 -1.98 37.81
N PRO D 8 -33.65 -1.78 36.63
CA PRO D 8 -32.90 -1.53 35.40
C PRO D 8 -31.87 -0.42 35.57
N VAL D 9 -30.64 -0.69 35.16
CA VAL D 9 -29.54 0.24 35.39
C VAL D 9 -28.42 0.02 34.37
N ALA D 10 -27.51 0.97 34.28
CA ALA D 10 -26.32 0.82 33.45
C ALA D 10 -25.09 0.71 34.36
N PHE D 11 -24.28 -0.33 34.14
CA PHE D 11 -23.11 -0.55 34.97
C PHE D 11 -22.08 -1.42 34.26
N LYS D 12 -20.95 -1.63 34.91
CA LYS D 12 -19.91 -2.49 34.38
C LYS D 12 -19.84 -3.78 35.20
N PRO D 13 -20.48 -4.84 34.70
CA PRO D 13 -20.51 -6.15 35.39
C PRO D 13 -19.10 -6.65 35.69
N PRO D 14 -18.90 -7.17 36.91
CA PRO D 14 -17.61 -7.76 37.25
C PRO D 14 -17.44 -9.08 36.51
N ASN D 15 -16.19 -9.50 36.28
CA ASN D 15 -15.94 -10.75 35.61
C ASN D 15 -16.48 -11.94 36.40
N ASP D 16 -16.87 -13.00 35.69
CA ASP D 16 -17.34 -14.25 36.26
C ASP D 16 -18.67 -14.12 37.02
N TYR D 17 -19.55 -13.26 36.53
CA TYR D 17 -20.90 -13.14 37.10
C TYR D 17 -21.97 -13.06 36.03
N TRP D 18 -22.87 -14.04 36.03
CA TRP D 18 -24.00 -14.02 35.12
C TRP D 18 -24.96 -12.90 35.49
N ILE D 19 -25.48 -12.21 34.47
CA ILE D 19 -26.55 -11.26 34.67
C ILE D 19 -27.83 -11.83 34.06
N LEU D 20 -28.75 -12.22 34.93
CA LEU D 20 -29.98 -12.89 34.53
C LEU D 20 -31.13 -11.89 34.46
N VAL D 21 -31.47 -11.46 33.25
CA VAL D 21 -32.50 -10.43 33.06
C VAL D 21 -33.90 -11.03 32.96
N ASN D 22 -34.83 -10.47 33.74
CA ASN D 22 -36.22 -10.93 33.71
C ASN D 22 -37.06 -10.06 32.77
N SER D 23 -37.03 -10.41 31.49
CA SER D 23 -37.72 -9.64 30.46
C SER D 23 -39.24 -9.67 30.62
N ASN D 24 -39.91 -8.59 30.22
CA ASN D 24 -41.37 -8.54 30.24
C ASN D 24 -41.93 -7.97 28.94
N SER D 25 -41.44 -6.81 28.52
CA SER D 25 -41.89 -6.18 27.28
C SER D 25 -41.11 -6.70 26.07
N ASN D 26 -41.49 -6.25 24.88
CA ASN D 26 -40.95 -6.79 23.64
C ASN D 26 -40.01 -5.85 22.88
N GLY D 27 -39.20 -5.08 23.61
CA GLY D 27 -38.26 -4.19 22.95
C GLY D 27 -36.83 -4.59 23.22
N VAL D 28 -35.97 -3.59 23.40
CA VAL D 28 -34.59 -3.85 23.78
C VAL D 28 -34.55 -4.33 25.23
N VAL D 29 -34.14 -5.58 25.42
CA VAL D 29 -34.05 -6.17 26.75
C VAL D 29 -32.81 -5.69 27.47
N LEU D 30 -31.75 -5.52 26.69
CA LEU D 30 -30.40 -5.41 27.25
C LEU D 30 -29.44 -4.97 26.14
N GLU D 31 -28.45 -4.17 26.50
CA GLU D 31 -27.41 -3.79 25.53
C GLU D 31 -26.08 -3.52 26.23
N GLY D 32 -25.00 -3.82 25.53
CA GLY D 32 -23.67 -3.67 26.10
C GLY D 32 -22.61 -3.37 25.06
N THR D 33 -21.59 -2.63 25.46
CA THR D 33 -20.49 -2.28 24.55
C THR D 33 -19.24 -1.86 25.31
N ASN D 34 -18.09 -1.98 24.64
CA ASN D 34 -16.84 -1.47 25.17
C ASN D 34 -16.30 -0.35 24.28
N ASN D 35 -17.12 0.03 23.30
CA ASN D 35 -16.80 1.08 22.33
C ASN D 35 -15.52 0.81 21.53
N THR D 36 -15.07 -0.44 21.50
CA THR D 36 -13.92 -0.81 20.67
C THR D 36 -14.25 -1.92 19.69
N ASP D 37 -14.50 -3.13 20.18
CA ASP D 37 -14.74 -4.27 19.29
C ASP D 37 -15.99 -5.07 19.63
N VAL D 38 -16.85 -4.54 20.50
CA VAL D 38 -18.08 -5.25 20.86
C VAL D 38 -19.29 -4.32 21.00
N TRP D 39 -20.34 -4.62 20.24
CA TRP D 39 -21.65 -4.03 20.47
C TRP D 39 -22.70 -5.14 20.44
N VAL D 40 -23.42 -5.31 21.54
CA VAL D 40 -24.47 -6.33 21.59
C VAL D 40 -25.79 -5.74 22.05
N ALA D 41 -26.88 -6.27 21.49
CA ALA D 41 -28.22 -5.88 21.90
C ALA D 41 -29.14 -7.09 21.81
N ILE D 42 -29.77 -7.44 22.91
CA ILE D 42 -30.76 -8.51 22.90
C ILE D 42 -32.15 -7.90 22.77
N ILE D 43 -32.86 -8.33 21.74
CA ILE D 43 -34.16 -7.77 21.42
C ILE D 43 -35.25 -8.83 21.53
N SER D 44 -36.31 -8.50 22.27
CA SER D 44 -37.41 -9.42 22.53
C SER D 44 -38.49 -9.31 21.49
N ILE D 45 -38.98 -10.45 21.00
CA ILE D 45 -40.11 -10.46 20.07
C ILE D 45 -41.18 -11.42 20.57
N GLU D 46 -42.40 -10.90 20.71
CA GLU D 46 -43.53 -11.66 21.23
C GLU D 46 -43.94 -12.80 20.28
N PRO D 47 -44.66 -13.81 20.81
CA PRO D 47 -45.13 -14.93 20.01
C PRO D 47 -45.98 -14.54 18.80
N ASN D 48 -46.00 -15.41 17.79
CA ASN D 48 -46.88 -15.28 16.62
C ASN D 48 -46.75 -13.96 15.87
N VAL D 49 -45.53 -13.64 15.45
CA VAL D 49 -45.28 -12.44 14.67
C VAL D 49 -44.83 -12.78 13.25
N ASN D 50 -45.62 -12.37 12.26
CA ASN D 50 -45.20 -12.51 10.87
C ASN D 50 -44.08 -11.54 10.54
N SER D 51 -43.23 -11.92 9.59
CA SER D 51 -42.04 -11.13 9.27
C SER D 51 -42.37 -9.68 8.93
N GLU D 52 -41.68 -8.76 9.60
CA GLU D 52 -41.95 -7.35 9.41
C GLU D 52 -40.80 -6.48 9.92
N SER D 53 -40.82 -5.21 9.53
CA SER D 53 -39.79 -4.26 9.96
C SER D 53 -40.20 -3.58 11.26
N ARG D 54 -39.25 -3.43 12.19
CA ARG D 54 -39.52 -2.72 13.42
C ARG D 54 -38.38 -1.78 13.78
N GLN D 55 -38.70 -0.73 14.55
CA GLN D 55 -37.75 0.32 14.86
C GLN D 55 -37.25 0.18 16.31
N TYR D 56 -35.94 0.22 16.48
CA TYR D 56 -35.34 0.13 17.82
C TYR D 56 -34.26 1.18 18.03
N SER D 57 -34.15 1.66 19.27
CA SER D 57 -33.11 2.61 19.62
C SER D 57 -31.89 1.85 20.17
N LEU D 58 -30.90 1.65 19.31
CA LEU D 58 -29.69 0.91 19.69
C LEU D 58 -28.53 1.85 19.92
N PHE D 59 -28.17 2.00 21.21
CA PHE D 59 -27.09 2.89 21.62
C PHE D 59 -27.35 4.33 21.20
N GLY D 60 -28.61 4.74 21.26
CA GLY D 60 -29.00 6.10 20.97
C GLY D 60 -29.28 6.39 19.52
N VAL D 61 -29.16 5.36 18.68
CA VAL D 61 -29.38 5.52 17.25
C VAL D 61 -30.54 4.66 16.78
N ASN D 62 -31.48 5.26 16.07
CA ASN D 62 -32.64 4.52 15.58
C ASN D 62 -32.26 3.56 14.46
N LYS D 63 -32.54 2.27 14.66
CA LYS D 63 -32.27 1.26 13.64
C LYS D 63 -33.55 0.58 13.15
N GLN D 64 -33.71 0.38 11.83
CA GLN D 64 -34.67 -0.64 11.36
C GLN D 64 -34.13 -2.05 11.36
N ILE D 65 -34.92 -2.94 11.95
CA ILE D 65 -34.63 -4.36 11.93
C ILE D 65 -35.84 -5.19 11.50
N THR D 66 -35.61 -6.15 10.61
CA THR D 66 -36.64 -7.09 10.19
C THR D 66 -36.72 -8.29 11.12
N VAL D 67 -37.86 -8.46 11.77
CA VAL D 67 -38.04 -9.53 12.76
C VAL D 67 -39.14 -10.50 12.35
N VAL D 68 -39.11 -11.71 12.91
CA VAL D 68 -40.13 -12.71 12.64
C VAL D 68 -40.15 -13.75 13.75
N ASN D 69 -41.33 -14.20 14.13
CA ASN D 69 -41.49 -15.23 15.16
C ASN D 69 -42.84 -15.91 15.06
N THR D 70 -42.88 -17.07 14.41
CA THR D 70 -44.13 -17.79 14.22
C THR D 70 -44.32 -18.90 15.25
N SER D 71 -43.65 -18.78 16.40
CA SER D 71 -43.83 -19.75 17.47
C SER D 71 -44.74 -19.18 18.54
N ASN D 72 -45.06 -20.00 19.54
CA ASN D 72 -45.85 -19.56 20.68
C ASN D 72 -44.94 -19.14 21.83
N LYS D 73 -43.64 -19.33 21.62
CA LYS D 73 -42.63 -18.90 22.57
C LYS D 73 -42.13 -17.50 22.23
N TRP D 74 -41.61 -16.81 23.23
CA TRP D 74 -40.98 -15.52 22.99
C TRP D 74 -39.64 -15.73 22.32
N LYS D 75 -39.28 -14.82 21.43
CA LYS D 75 -38.03 -14.93 20.69
C LYS D 75 -37.12 -13.78 21.04
N PHE D 76 -35.87 -14.10 21.37
CA PHE D 76 -34.89 -13.07 21.70
C PHE D 76 -33.78 -13.05 20.67
N MET D 77 -33.62 -11.91 20.01
CA MET D 77 -32.63 -11.77 18.95
C MET D 77 -31.37 -11.11 19.47
N GLU D 78 -30.24 -11.76 19.27
CA GLU D 78 -28.95 -11.18 19.64
C GLU D 78 -28.35 -10.41 18.46
N MET D 79 -28.42 -9.09 18.52
CA MET D 79 -27.82 -8.23 17.51
C MET D 79 -26.37 -7.96 17.88
N PHE D 80 -25.49 -8.02 16.89
CA PHE D 80 -24.05 -7.89 17.16
C PHE D 80 -23.29 -7.13 16.07
N ARG D 81 -22.24 -6.44 16.50
CA ARG D 81 -21.25 -5.87 15.58
C ARG D 81 -19.95 -5.66 16.35
N ASN D 82 -18.82 -5.86 15.67
CA ASN D 82 -17.53 -5.73 16.33
C ASN D 82 -16.78 -4.50 15.85
N ASN D 83 -17.54 -3.57 15.28
CA ASN D 83 -16.99 -2.38 14.65
C ASN D 83 -17.97 -1.22 14.77
N SER D 84 -17.47 -0.05 15.12
CA SER D 84 -18.35 1.11 15.37
C SER D 84 -19.08 1.58 14.12
N ASN D 85 -18.51 1.35 12.94
CA ASN D 85 -19.09 1.85 11.69
C ASN D 85 -19.99 0.85 10.98
N ALA D 86 -19.93 -0.42 11.37
CA ALA D 86 -20.74 -1.45 10.74
C ALA D 86 -22.19 -1.37 11.18
N GLU D 87 -23.07 -2.04 10.45
CA GLU D 87 -24.46 -2.20 10.87
C GLU D 87 -24.54 -3.41 11.80
N PHE D 88 -25.70 -3.63 12.40
CA PHE D 88 -25.88 -4.78 13.28
C PHE D 88 -26.31 -6.02 12.52
N GLN D 89 -25.80 -7.16 12.93
CA GLN D 89 -26.21 -8.44 12.35
C GLN D 89 -26.98 -9.28 13.36
N HIS D 90 -27.92 -10.07 12.86
CA HIS D 90 -28.61 -11.05 13.71
C HIS D 90 -27.70 -12.25 13.91
N LYS D 91 -27.01 -12.28 15.05
CA LYS D 91 -25.99 -13.30 15.30
C LYS D 91 -26.57 -14.62 15.84
N ARG D 92 -27.36 -14.55 16.90
CA ARG D 92 -27.97 -15.74 17.48
C ARG D 92 -29.42 -15.52 17.89
N THR D 93 -30.09 -16.62 18.25
CA THR D 93 -31.50 -16.57 18.66
C THR D 93 -31.72 -17.40 19.92
N LEU D 94 -32.52 -16.87 20.85
CA LEU D 94 -32.97 -17.64 22.01
C LEU D 94 -34.48 -17.72 22.00
N THR D 95 -35.01 -18.93 21.86
CA THR D 95 -36.46 -19.12 21.81
C THR D 95 -36.93 -19.67 23.16
N SER D 96 -37.66 -18.85 23.90
CA SER D 96 -37.93 -19.13 25.30
C SER D 96 -39.39 -19.05 25.71
N SER D 97 -39.77 -19.90 26.65
CA SER D 97 -41.07 -19.79 27.30
C SER D 97 -40.89 -19.18 28.70
N THR D 98 -39.64 -19.02 29.11
CA THR D 98 -39.32 -18.50 30.44
C THR D 98 -39.07 -17.00 30.42
N LYS D 99 -38.76 -16.46 29.25
CA LYS D 99 -38.49 -15.03 29.06
C LYS D 99 -37.29 -14.55 29.86
N LEU D 100 -36.33 -15.44 30.10
CA LEU D 100 -35.12 -15.07 30.83
C LEU D 100 -33.93 -15.04 29.89
N VAL D 101 -33.02 -14.10 30.15
CA VAL D 101 -31.88 -13.87 29.28
C VAL D 101 -30.63 -13.61 30.12
N GLY D 102 -29.52 -14.25 29.75
CA GLY D 102 -28.28 -14.09 30.50
C GLY D 102 -27.11 -13.56 29.70
N ILE D 103 -26.19 -12.90 30.40
CA ILE D 103 -24.93 -12.46 29.81
C ILE D 103 -23.80 -12.58 30.84
N LEU D 104 -22.64 -13.02 30.38
CA LEU D 104 -21.52 -13.28 31.28
C LEU D 104 -20.21 -12.82 30.69
N LYS D 105 -19.37 -12.21 31.53
CA LYS D 105 -18.01 -11.84 31.14
C LYS D 105 -17.03 -12.83 31.76
N HIS D 106 -16.42 -13.67 30.92
CA HIS D 106 -15.49 -14.68 31.40
C HIS D 106 -14.48 -15.11 30.34
N GLY D 107 -13.21 -15.18 30.74
CA GLY D 107 -12.15 -15.73 29.92
C GLY D 107 -11.96 -15.09 28.56
N GLY D 108 -11.92 -13.76 28.55
CA GLY D 108 -11.69 -13.02 27.31
C GLY D 108 -12.83 -13.12 26.31
N ARG D 109 -13.99 -13.56 26.78
CA ARG D 109 -15.15 -13.76 25.90
C ARG D 109 -16.43 -13.26 26.55
N LEU D 110 -17.40 -12.91 25.72
CA LEU D 110 -18.73 -12.56 26.19
C LEU D 110 -19.69 -13.72 25.92
N TRP D 111 -20.36 -14.19 26.97
CA TRP D 111 -21.21 -15.38 26.86
C TRP D 111 -22.70 -15.06 26.94
N THR D 112 -23.48 -15.73 26.10
CA THR D 112 -24.94 -15.60 26.09
C THR D 112 -25.57 -16.98 25.92
N TYR D 113 -26.90 -17.04 26.06
CA TYR D 113 -27.62 -18.29 25.83
C TYR D 113 -28.30 -18.28 24.47
N HIS D 114 -28.33 -19.43 23.80
CA HIS D 114 -29.09 -19.56 22.56
C HIS D 114 -29.65 -20.97 22.40
N GLY D 115 -30.50 -21.14 21.39
CA GLY D 115 -31.23 -22.38 21.19
C GLY D 115 -32.67 -22.22 21.62
N GLU D 116 -33.36 -23.33 21.84
CA GLU D 116 -34.74 -23.28 22.30
C GLU D 116 -34.90 -23.99 23.63
N THR D 117 -35.54 -23.32 24.58
CA THR D 117 -35.84 -23.92 25.88
C THR D 117 -36.71 -25.15 25.67
N PRO D 118 -36.55 -26.16 26.54
CA PRO D 118 -35.69 -26.19 27.73
C PRO D 118 -34.26 -26.66 27.45
N ASN D 119 -33.78 -26.45 26.23
CA ASN D 119 -32.47 -26.98 25.85
C ASN D 119 -31.49 -25.91 25.36
N ALA D 120 -31.61 -24.70 25.92
CA ALA D 120 -30.72 -23.61 25.56
C ALA D 120 -29.33 -23.80 26.18
N THR D 121 -28.30 -23.47 25.42
CA THR D 121 -26.92 -23.59 25.89
C THR D 121 -26.16 -22.29 25.67
N THR D 122 -24.97 -22.19 26.26
CA THR D 122 -24.17 -20.98 26.17
C THR D 122 -23.32 -20.92 24.91
N ASP D 123 -23.06 -19.71 24.44
CA ASP D 123 -22.18 -19.49 23.30
C ASP D 123 -21.44 -18.17 23.51
N TYR D 124 -20.38 -17.92 22.76
CA TYR D 124 -19.49 -16.80 23.06
C TYR D 124 -19.20 -15.86 21.90
N SER D 125 -18.80 -14.64 22.24
CA SER D 125 -18.26 -13.69 21.26
C SER D 125 -16.87 -13.26 21.72
N THR D 126 -15.95 -13.18 20.78
CA THR D 126 -14.56 -12.84 21.04
C THR D 126 -14.38 -11.33 21.25
N THR D 127 -13.46 -10.95 22.13
CA THR D 127 -13.11 -9.55 22.34
C THR D 127 -11.65 -9.41 22.76
N SER D 128 -11.05 -8.27 22.43
CA SER D 128 -9.71 -7.94 22.89
C SER D 128 -9.79 -7.11 24.17
N ASN D 129 -11.02 -6.70 24.49
CA ASN D 129 -11.25 -5.71 25.54
C ASN D 129 -12.46 -6.09 26.39
N LEU D 130 -12.38 -7.25 27.04
CA LEU D 130 -13.47 -7.78 27.83
C LEU D 130 -13.86 -6.88 29.00
N ASN D 131 -12.87 -6.45 29.77
CA ASN D 131 -13.10 -5.76 31.04
C ASN D 131 -13.91 -4.48 30.93
N GLU D 132 -13.69 -3.71 29.85
CA GLU D 132 -14.32 -2.40 29.74
C GLU D 132 -15.72 -2.48 29.15
N ILE D 133 -16.22 -3.70 28.96
CA ILE D 133 -17.60 -3.88 28.52
C ILE D 133 -18.57 -3.48 29.63
N SER D 134 -19.37 -2.46 29.37
CA SER D 134 -20.41 -2.05 30.30
C SER D 134 -21.77 -2.40 29.73
N VAL D 135 -22.75 -2.52 30.61
CA VAL D 135 -24.04 -3.11 30.26
C VAL D 135 -25.22 -2.28 30.76
N THR D 136 -26.20 -2.08 29.89
CA THR D 136 -27.46 -1.44 30.30
C THR D 136 -28.60 -2.43 30.25
N THR D 137 -29.34 -2.53 31.35
CA THR D 137 -30.53 -3.39 31.40
C THR D 137 -31.79 -2.54 31.27
N TYR D 138 -32.88 -3.16 30.82
CA TYR D 138 -34.15 -2.46 30.66
C TYR D 138 -35.28 -3.23 31.33
N ALA D 139 -34.91 -4.29 32.04
CA ALA D 139 -35.84 -5.05 32.87
C ALA D 139 -35.14 -5.43 34.15
N GLU D 140 -35.88 -6.00 35.10
CA GLU D 140 -35.28 -6.45 36.36
C GLU D 140 -34.33 -7.60 36.12
N PHE D 141 -33.23 -7.64 36.86
CA PHE D 141 -32.25 -8.70 36.67
C PHE D 141 -31.68 -9.22 37.99
N TYR D 142 -31.02 -10.37 37.90
CA TYR D 142 -30.40 -11.01 39.06
C TYR D 142 -28.92 -11.26 38.78
N ILE D 143 -28.15 -11.54 39.82
CA ILE D 143 -26.72 -11.81 39.67
C ILE D 143 -26.34 -13.18 40.21
N ILE D 144 -25.66 -13.97 39.39
CA ILE D 144 -25.23 -15.32 39.76
C ILE D 144 -23.74 -15.49 39.49
N PRO D 145 -23.00 -16.04 40.47
CA PRO D 145 -21.60 -16.33 40.20
C PRO D 145 -21.46 -17.47 39.20
N ARG D 146 -20.33 -17.52 38.49
CA ARG D 146 -20.10 -18.52 37.46
C ARG D 146 -20.08 -19.94 38.03
N SER D 147 -19.68 -20.06 39.30
CA SER D 147 -19.64 -21.35 39.98
C SER D 147 -21.01 -22.02 40.03
N GLN D 148 -22.06 -21.22 39.86
CA GLN D 148 -23.43 -21.72 39.82
C GLN D 148 -24.06 -21.62 38.44
N GLU D 149 -23.26 -21.80 37.38
CA GLU D 149 -23.76 -21.63 36.02
C GLU D 149 -24.80 -22.68 35.64
N SER D 150 -24.59 -23.92 36.08
CA SER D 150 -25.53 -25.00 35.79
C SER D 150 -26.90 -24.67 36.37
N LYS D 151 -26.91 -23.88 37.45
CA LYS D 151 -28.15 -23.40 38.04
C LYS D 151 -28.74 -22.29 37.19
N CYS D 152 -27.87 -21.44 36.64
CA CYS D 152 -28.30 -20.37 35.75
C CYS D 152 -28.94 -20.96 34.48
N THR D 153 -28.25 -21.93 33.87
CA THR D 153 -28.75 -22.63 32.70
C THR D 153 -30.15 -23.18 32.94
N GLU D 154 -30.33 -23.78 34.12
CA GLU D 154 -31.61 -24.33 34.55
C GLU D 154 -32.70 -23.26 34.56
N TYR D 155 -32.36 -22.09 35.10
CA TYR D 155 -33.30 -20.98 35.20
C TYR D 155 -33.63 -20.40 33.82
N ILE D 156 -32.64 -20.40 32.93
CA ILE D 156 -32.86 -19.96 31.56
C ILE D 156 -33.89 -20.86 30.88
N ASN D 157 -33.79 -22.16 31.16
CA ASN D 157 -34.60 -23.15 30.47
C ASN D 157 -35.94 -23.48 31.11
N THR D 158 -36.01 -23.49 32.44
CA THR D 158 -37.23 -23.89 33.12
C THR D 158 -37.91 -22.75 33.88
N GLY D 159 -37.13 -21.70 34.19
CA GLY D 159 -37.67 -20.54 34.87
C GLY D 159 -37.29 -20.48 36.33
N LEU D 160 -38.01 -19.67 37.10
CA LEU D 160 -37.73 -19.51 38.52
C LEU D 160 -38.78 -20.19 39.38
N VAL E 1 8.12 20.63 8.29
CA VAL E 1 9.09 19.87 7.54
C VAL E 1 9.64 20.72 6.41
N LEU E 2 8.72 21.21 5.58
CA LEU E 2 9.00 21.82 4.28
C LEU E 2 7.67 21.84 3.54
N ASP E 3 7.25 23.00 3.07
CA ASP E 3 5.92 23.13 2.49
C ASP E 3 5.86 22.61 1.05
N GLY E 4 5.44 21.36 0.89
CA GLY E 4 5.35 20.74 -0.42
C GLY E 4 5.58 19.25 -0.36
N PRO E 5 5.76 18.61 -1.54
CA PRO E 5 5.78 19.24 -2.86
C PRO E 5 4.39 19.40 -3.48
N TYR E 6 4.21 20.46 -4.26
CA TYR E 6 2.96 20.69 -4.97
C TYR E 6 3.08 20.28 -6.43
N GLN E 7 1.94 19.96 -7.05
CA GLN E 7 1.91 19.59 -8.46
C GLN E 7 2.06 20.82 -9.36
N PRO E 8 2.69 20.65 -10.53
CA PRO E 8 2.88 21.72 -11.54
C PRO E 8 1.59 22.47 -11.83
N VAL E 9 1.65 23.80 -11.81
CA VAL E 9 0.44 24.61 -11.87
C VAL E 9 0.76 26.05 -12.27
N ALA E 10 -0.22 26.74 -12.84
CA ALA E 10 -0.09 28.17 -13.12
C ALA E 10 -0.82 28.95 -12.04
N PHE E 11 -0.15 29.95 -11.48
CA PHE E 11 -0.72 30.76 -10.41
C PHE E 11 0.13 32.00 -10.13
N LYS E 12 -0.49 33.02 -9.56
CA LYS E 12 0.25 34.18 -9.06
C LYS E 12 0.73 33.90 -7.65
N PRO E 13 2.02 33.60 -7.48
CA PRO E 13 2.51 33.28 -6.14
C PRO E 13 2.48 34.51 -5.24
N PRO E 14 2.19 34.29 -3.94
CA PRO E 14 2.17 35.41 -3.00
C PRO E 14 3.54 36.03 -2.82
N ASN E 15 3.59 37.30 -2.45
CA ASN E 15 4.83 37.99 -2.15
C ASN E 15 5.60 37.31 -1.02
N ASP E 16 6.91 37.56 -0.97
CA ASP E 16 7.77 37.13 0.14
C ASP E 16 7.81 35.61 0.36
N TYR E 17 7.49 34.84 -0.67
CA TYR E 17 7.61 33.38 -0.60
C TYR E 17 8.48 32.86 -1.75
N TRP E 18 9.39 31.95 -1.43
CA TRP E 18 10.22 31.32 -2.45
C TRP E 18 9.52 30.13 -3.08
N ILE E 19 9.50 30.11 -4.42
CA ILE E 19 9.01 28.95 -5.15
C ILE E 19 10.23 28.14 -5.58
N LEU E 20 10.43 26.99 -4.94
CA LEU E 20 11.60 26.17 -5.17
C LEU E 20 11.23 24.94 -5.99
N VAL E 21 11.59 24.95 -7.27
CA VAL E 21 11.21 23.89 -8.19
C VAL E 21 12.26 22.78 -8.22
N ASN E 22 11.78 21.53 -8.18
CA ASN E 22 12.64 20.36 -8.19
C ASN E 22 12.64 19.69 -9.57
N SER E 23 13.55 20.12 -10.44
CA SER E 23 13.58 19.69 -11.83
C SER E 23 14.23 18.33 -12.06
N ASN E 24 13.69 17.56 -13.00
CA ASN E 24 14.29 16.27 -13.34
C ASN E 24 14.67 16.14 -14.82
N SER E 25 13.84 16.68 -15.71
CA SER E 25 14.11 16.61 -17.14
C SER E 25 14.71 17.91 -17.68
N ASN E 26 15.11 17.92 -18.95
CA ASN E 26 15.88 19.03 -19.50
C ASN E 26 15.09 20.03 -20.36
N GLY E 27 13.78 20.12 -20.16
CA GLY E 27 13.01 21.08 -20.92
C GLY E 27 12.98 22.48 -20.33
N VAL E 28 11.90 23.19 -20.58
CA VAL E 28 11.61 24.41 -19.85
C VAL E 28 11.20 24.01 -18.44
N VAL E 29 11.94 24.52 -17.46
CA VAL E 29 11.68 24.16 -16.06
C VAL E 29 10.59 25.05 -15.47
N LEU E 30 10.56 26.30 -15.92
CA LEU E 30 9.81 27.32 -15.24
C LEU E 30 9.62 28.52 -16.16
N GLU E 31 8.39 29.04 -16.23
CA GLU E 31 8.16 30.30 -16.95
C GLU E 31 7.12 31.16 -16.25
N GLY E 32 7.33 32.47 -16.29
CA GLY E 32 6.43 33.41 -15.65
C GLY E 32 6.42 34.78 -16.31
N THR E 33 5.27 35.42 -16.30
CA THR E 33 5.13 36.75 -16.90
C THR E 33 3.99 37.54 -16.29
N ASN E 34 4.04 38.85 -16.46
CA ASN E 34 2.93 39.74 -16.11
C ASN E 34 2.28 40.31 -17.37
N ASN E 35 2.79 39.88 -18.52
CA ASN E 35 2.33 40.33 -19.82
C ASN E 35 2.44 41.85 -20.03
N THR E 36 3.34 42.49 -19.30
CA THR E 36 3.60 43.92 -19.51
C THR E 36 5.11 44.20 -19.65
N ASP E 37 5.88 43.94 -18.60
CA ASP E 37 7.31 44.26 -18.66
C ASP E 37 8.24 43.14 -18.14
N VAL E 38 7.70 41.95 -17.94
CA VAL E 38 8.51 40.81 -17.51
C VAL E 38 8.12 39.50 -18.20
N TRP E 39 9.09 38.85 -18.82
CA TRP E 39 8.93 37.49 -19.33
C TRP E 39 10.16 36.69 -18.94
N VAL E 40 9.99 35.72 -18.03
CA VAL E 40 11.11 34.91 -17.59
C VAL E 40 10.84 33.44 -17.84
N ALA E 41 11.83 32.74 -18.39
CA ALA E 41 11.74 31.30 -18.60
C ALA E 41 13.10 30.67 -18.29
N ILE E 42 13.08 29.60 -17.50
CA ILE E 42 14.29 28.93 -17.12
C ILE E 42 14.41 27.61 -17.88
N ILE E 43 15.54 27.41 -18.53
CA ILE E 43 15.73 26.26 -19.40
C ILE E 43 16.89 25.41 -18.89
N SER E 44 16.64 24.11 -18.75
CA SER E 44 17.61 23.18 -18.19
C SER E 44 18.39 22.40 -19.25
N ILE E 45 19.71 22.33 -19.09
CA ILE E 45 20.55 21.56 -20.00
C ILE E 45 21.37 20.54 -19.23
N GLU E 46 21.21 19.27 -19.59
CA GLU E 46 21.90 18.16 -18.94
C GLU E 46 23.41 18.28 -19.12
N PRO E 47 24.20 17.64 -18.21
CA PRO E 47 25.66 17.74 -18.28
C PRO E 47 26.26 17.20 -19.57
N ASN E 48 27.46 17.69 -19.91
CA ASN E 48 28.24 17.19 -21.05
C ASN E 48 27.58 17.37 -22.41
N VAL E 49 27.16 18.59 -22.72
CA VAL E 49 26.56 18.89 -24.01
C VAL E 49 27.42 19.88 -24.79
N ASN E 50 27.97 19.43 -25.90
CA ASN E 50 28.69 20.32 -26.80
C ASN E 50 27.74 21.32 -27.41
N SER E 51 28.28 22.45 -27.87
CA SER E 51 27.46 23.54 -28.40
C SER E 51 26.59 23.08 -29.56
N GLU E 52 25.31 23.44 -29.51
CA GLU E 52 24.34 23.01 -30.51
C GLU E 52 23.03 23.78 -30.37
N SER E 53 22.18 23.69 -31.40
CA SER E 53 20.88 24.34 -31.37
C SER E 53 19.79 23.40 -30.91
N ARG E 54 18.95 23.88 -30.00
CA ARG E 54 17.81 23.10 -29.51
C ARG E 54 16.55 23.93 -29.58
N GLN E 55 15.40 23.28 -29.65
CA GLN E 55 14.14 24.01 -29.73
C GLN E 55 13.39 23.97 -28.41
N TYR E 56 12.91 25.14 -27.98
CA TYR E 56 12.15 25.24 -26.75
C TYR E 56 10.87 26.04 -26.99
N SER E 57 9.81 25.67 -26.28
CA SER E 57 8.55 26.40 -26.42
C SER E 57 8.37 27.40 -25.28
N LEU E 58 8.64 28.67 -25.56
CA LEU E 58 8.51 29.72 -24.56
C LEU E 58 7.20 30.49 -24.74
N PHE E 59 6.32 30.36 -23.75
CA PHE E 59 5.02 31.03 -23.76
C PHE E 59 4.26 30.76 -25.07
N GLY E 60 4.34 29.53 -25.55
CA GLY E 60 3.58 29.10 -26.71
C GLY E 60 4.29 29.23 -28.05
N VAL E 61 5.49 29.82 -28.04
CA VAL E 61 6.21 30.13 -29.27
C VAL E 61 7.56 29.42 -29.37
N ASN E 62 7.78 28.71 -30.48
CA ASN E 62 9.04 28.00 -30.69
C ASN E 62 10.24 28.91 -30.84
N LYS E 63 11.28 28.66 -30.05
CA LYS E 63 12.54 29.37 -30.19
C LYS E 63 13.68 28.36 -30.37
N GLN E 64 14.49 28.57 -31.39
CA GLN E 64 15.70 27.78 -31.56
C GLN E 64 16.81 28.47 -30.77
N ILE E 65 17.27 27.84 -29.71
CA ILE E 65 18.26 28.45 -28.82
C ILE E 65 19.57 27.67 -28.87
N THR E 66 20.68 28.40 -28.95
CA THR E 66 22.00 27.78 -28.95
C THR E 66 22.47 27.55 -27.51
N VAL E 67 22.71 26.30 -27.16
CA VAL E 67 23.08 25.96 -25.78
C VAL E 67 24.41 25.21 -25.71
N VAL E 68 25.09 25.34 -24.58
CA VAL E 68 26.30 24.58 -24.33
C VAL E 68 26.43 24.28 -22.83
N ASN E 69 26.62 23.02 -22.51
CA ASN E 69 26.95 22.63 -21.15
C ASN E 69 27.98 21.51 -21.18
N THR E 70 29.21 21.88 -20.89
CA THR E 70 30.38 21.03 -21.04
C THR E 70 30.96 20.60 -19.69
N SER E 71 30.18 20.85 -18.64
CA SER E 71 30.55 20.43 -17.30
C SER E 71 29.79 19.16 -16.90
N ASN E 72 30.00 18.70 -15.67
CA ASN E 72 29.28 17.54 -15.17
C ASN E 72 28.09 17.95 -14.32
N LYS E 73 27.86 19.25 -14.20
CA LYS E 73 26.68 19.77 -13.52
C LYS E 73 25.62 20.15 -14.55
N TRP E 74 24.37 20.16 -14.10
CA TRP E 74 23.27 20.62 -14.95
C TRP E 74 23.32 22.14 -15.08
N LYS E 75 22.93 22.65 -16.24
CA LYS E 75 22.97 24.08 -16.51
C LYS E 75 21.57 24.65 -16.71
N PHE E 76 21.26 25.73 -15.99
CA PHE E 76 19.95 26.35 -16.08
C PHE E 76 20.07 27.77 -16.61
N MET E 77 19.59 27.98 -17.83
CA MET E 77 19.68 29.27 -18.51
C MET E 77 18.46 30.13 -18.22
N GLU E 78 18.70 31.37 -17.81
CA GLU E 78 17.62 32.32 -17.57
C GLU E 78 17.38 33.21 -18.80
N MET E 79 16.26 32.98 -19.48
CA MET E 79 15.88 33.79 -20.64
C MET E 79 14.94 34.90 -20.23
N PHE E 80 15.20 36.13 -20.69
CA PHE E 80 14.47 37.29 -20.20
C PHE E 80 14.18 38.32 -21.30
N ARG E 81 13.09 39.06 -21.12
CA ARG E 81 12.75 40.21 -21.96
C ARG E 81 11.71 41.07 -21.24
N ASN E 82 11.73 42.37 -21.50
CA ASN E 82 10.83 43.30 -20.82
C ASN E 82 9.75 43.90 -21.73
N ASN E 83 9.59 43.32 -22.91
CA ASN E 83 8.61 43.80 -23.88
C ASN E 83 8.13 42.65 -24.75
N SER E 84 6.82 42.60 -25.00
CA SER E 84 6.23 41.52 -25.80
C SER E 84 6.65 41.60 -27.27
N ASN E 85 7.35 42.67 -27.62
CA ASN E 85 7.82 42.87 -28.99
C ASN E 85 9.32 42.66 -29.11
N ALA E 86 9.96 42.22 -28.03
CA ALA E 86 11.39 41.97 -28.04
C ALA E 86 11.69 40.48 -28.03
N GLU E 87 12.94 40.12 -28.30
CA GLU E 87 13.36 38.72 -28.26
C GLU E 87 14.01 38.38 -26.92
N PHE E 88 13.80 37.16 -26.46
CA PHE E 88 14.41 36.68 -25.23
C PHE E 88 15.93 36.68 -25.32
N GLN E 89 16.59 36.96 -24.21
CA GLN E 89 18.04 36.98 -24.15
C GLN E 89 18.54 36.11 -23.00
N HIS E 90 19.74 35.55 -23.17
CA HIS E 90 20.36 34.78 -22.12
C HIS E 90 20.90 35.73 -21.06
N LYS E 91 20.12 35.94 -20.01
CA LYS E 91 20.47 36.91 -18.99
C LYS E 91 21.40 36.34 -17.94
N ARG E 92 21.07 35.16 -17.42
CA ARG E 92 21.85 34.56 -16.35
C ARG E 92 21.93 33.05 -16.43
N THR E 93 22.87 32.47 -15.68
CA THR E 93 23.08 31.03 -15.66
C THR E 93 23.19 30.50 -14.24
N LEU E 94 22.48 29.41 -13.97
CA LEU E 94 22.66 28.64 -12.74
C LEU E 94 23.29 27.29 -13.07
N THR E 95 24.52 27.07 -12.64
CA THR E 95 25.19 25.79 -12.81
C THR E 95 25.05 24.99 -11.51
N SER E 96 24.33 23.89 -11.58
CA SER E 96 23.86 23.21 -10.37
C SER E 96 24.08 21.70 -10.38
N SER E 97 24.36 21.15 -9.20
CA SER E 97 24.48 19.70 -9.03
C SER E 97 23.23 19.17 -8.34
N THR E 98 22.38 20.08 -7.87
CA THR E 98 21.18 19.71 -7.13
C THR E 98 19.94 19.72 -8.00
N LYS E 99 20.06 20.39 -9.16
CA LYS E 99 18.95 20.55 -10.10
C LYS E 99 17.76 21.24 -9.44
N LEU E 100 18.06 22.15 -8.50
CA LEU E 100 17.03 22.91 -7.81
C LEU E 100 17.01 24.37 -8.30
N VAL E 101 15.80 24.91 -8.42
CA VAL E 101 15.60 26.22 -9.03
C VAL E 101 14.59 27.04 -8.23
N GLY E 102 14.87 28.32 -8.03
CA GLY E 102 14.00 29.17 -7.23
C GLY E 102 13.62 30.49 -7.85
N ILE E 103 12.46 31.00 -7.46
CA ILE E 103 12.02 32.33 -7.91
C ILE E 103 11.18 33.01 -6.82
N LEU E 104 11.47 34.29 -6.58
CA LEU E 104 10.85 35.02 -5.48
C LEU E 104 10.37 36.40 -5.91
N LYS E 105 9.19 36.78 -5.41
CA LYS E 105 8.67 38.14 -5.63
C LYS E 105 8.80 38.94 -4.34
N HIS E 106 9.75 39.88 -4.32
CA HIS E 106 9.96 40.72 -3.15
C HIS E 106 10.33 42.15 -3.52
N GLY E 107 9.70 43.11 -2.85
CA GLY E 107 10.03 44.51 -2.98
C GLY E 107 10.15 45.02 -4.41
N GLY E 108 9.11 44.83 -5.20
CA GLY E 108 9.10 45.29 -6.59
C GLY E 108 10.16 44.66 -7.47
N ARG E 109 10.57 43.43 -7.14
CA ARG E 109 11.64 42.76 -7.90
C ARG E 109 11.44 41.26 -8.04
N LEU E 110 11.90 40.73 -9.17
CA LEU E 110 11.92 39.28 -9.42
C LEU E 110 13.28 38.70 -9.06
N TRP E 111 13.29 37.75 -8.14
CA TRP E 111 14.55 37.16 -7.68
C TRP E 111 14.73 35.72 -8.15
N THR E 112 15.95 35.40 -8.58
CA THR E 112 16.33 34.05 -8.95
C THR E 112 17.76 33.79 -8.47
N TYR E 113 18.19 32.53 -8.55
CA TYR E 113 19.56 32.19 -8.18
C TYR E 113 20.44 32.08 -9.43
N HIS E 114 21.71 32.45 -9.29
CA HIS E 114 22.67 32.27 -10.37
C HIS E 114 24.06 31.99 -9.80
N GLY E 115 25.00 31.68 -10.68
CA GLY E 115 26.33 31.27 -10.25
C GLY E 115 26.45 29.76 -10.30
N GLU E 116 27.42 29.22 -9.57
CA GLU E 116 27.64 27.78 -9.55
C GLU E 116 27.59 27.21 -8.13
N THR E 117 26.80 26.16 -7.95
CA THR E 117 26.71 25.45 -6.68
C THR E 117 28.08 24.92 -6.29
N PRO E 118 28.39 24.91 -4.97
CA PRO E 118 27.53 25.29 -3.86
C PRO E 118 27.59 26.77 -3.49
N ASN E 119 27.93 27.64 -4.44
CA ASN E 119 28.06 29.06 -4.15
C ASN E 119 27.07 29.93 -4.91
N ALA E 120 25.95 29.34 -5.30
CA ALA E 120 24.90 30.07 -6.01
C ALA E 120 24.27 31.14 -5.11
N THR E 121 24.10 32.34 -5.66
CA THR E 121 23.53 33.46 -4.93
C THR E 121 22.36 34.06 -5.69
N THR E 122 21.62 34.94 -5.04
CA THR E 122 20.43 35.54 -5.65
C THR E 122 20.76 36.78 -6.47
N ASP E 123 19.86 37.12 -7.39
CA ASP E 123 19.96 38.35 -8.16
C ASP E 123 18.57 38.71 -8.67
N TYR E 124 18.40 39.92 -9.18
CA TYR E 124 17.06 40.44 -9.45
C TYR E 124 16.81 40.93 -10.88
N SER E 125 15.55 40.90 -11.27
CA SER E 125 15.08 41.60 -12.47
C SER E 125 14.11 42.69 -12.02
N THR E 126 14.15 43.83 -12.70
CA THR E 126 13.34 44.97 -12.28
C THR E 126 11.99 45.00 -13.00
N THR E 127 11.00 45.61 -12.37
CA THR E 127 9.65 45.66 -12.90
C THR E 127 8.79 46.70 -12.18
N SER E 128 7.70 47.11 -12.84
CA SER E 128 6.77 48.06 -12.24
C SER E 128 5.43 47.36 -11.97
N ASN E 129 5.30 46.14 -12.50
CA ASN E 129 4.07 45.38 -12.40
C ASN E 129 4.33 44.04 -11.71
N LEU E 130 4.89 44.08 -10.51
CA LEU E 130 5.34 42.87 -9.83
C LEU E 130 4.22 41.89 -9.49
N ASN E 131 3.17 42.38 -8.83
CA ASN E 131 2.11 41.52 -8.31
C ASN E 131 1.35 40.74 -9.37
N GLU E 132 1.41 41.21 -10.62
CA GLU E 132 0.69 40.55 -11.71
C GLU E 132 1.47 39.39 -12.30
N ILE E 133 2.75 39.27 -11.94
CA ILE E 133 3.58 38.19 -12.44
C ILE E 133 3.03 36.85 -11.97
N SER E 134 2.43 36.11 -12.90
CA SER E 134 1.98 34.75 -12.63
C SER E 134 3.07 33.78 -13.08
N VAL E 135 3.06 32.58 -12.51
CA VAL E 135 4.15 31.63 -12.72
C VAL E 135 3.65 30.22 -13.02
N THR E 136 4.21 29.59 -14.03
CA THR E 136 3.92 28.19 -14.34
C THR E 136 5.16 27.32 -14.14
N THR E 137 5.03 26.30 -13.31
CA THR E 137 6.12 25.34 -13.09
C THR E 137 5.87 24.08 -13.90
N TYR E 138 6.94 23.45 -14.37
CA TYR E 138 6.80 22.22 -15.14
C TYR E 138 7.32 21.03 -14.35
N ALA E 139 7.56 21.26 -13.07
CA ALA E 139 7.95 20.20 -12.14
C ALA E 139 7.38 20.52 -10.76
N GLU E 140 7.49 19.57 -9.83
CA GLU E 140 6.99 19.78 -8.48
C GLU E 140 7.80 20.83 -7.75
N PHE E 141 7.13 21.60 -6.89
CA PHE E 141 7.78 22.71 -6.21
C PHE E 141 7.41 22.80 -4.73
N TYR E 142 8.26 23.50 -3.99
CA TYR E 142 8.04 23.75 -2.58
C TYR E 142 7.80 25.24 -2.35
N ILE E 143 7.19 25.57 -1.22
CA ILE E 143 6.96 26.96 -0.84
C ILE E 143 7.76 27.29 0.41
N ILE E 144 8.55 28.35 0.36
CA ILE E 144 9.40 28.74 1.47
C ILE E 144 9.34 30.24 1.71
N PRO E 145 9.01 30.64 2.95
CA PRO E 145 8.99 32.06 3.30
C PRO E 145 10.37 32.69 3.15
N ARG E 146 10.42 33.96 2.77
CA ARG E 146 11.69 34.67 2.64
C ARG E 146 12.41 34.73 3.98
N SER E 147 11.63 34.69 5.07
CA SER E 147 12.18 34.65 6.43
C SER E 147 13.26 33.59 6.56
N GLN E 148 13.04 32.47 5.87
CA GLN E 148 13.97 31.35 5.90
C GLN E 148 14.67 31.17 4.56
N GLU E 149 15.09 32.28 3.95
CA GLU E 149 15.78 32.26 2.68
C GLU E 149 17.12 31.54 2.77
N SER E 150 17.76 31.68 3.93
CA SER E 150 19.07 31.05 4.15
C SER E 150 18.97 29.55 3.99
N LYS E 151 17.81 28.99 4.32
CA LYS E 151 17.59 27.56 4.18
C LYS E 151 17.33 27.22 2.73
N CYS E 152 16.71 28.17 2.03
CA CYS E 152 16.41 28.02 0.62
C CYS E 152 17.70 28.05 -0.20
N THR E 153 18.60 28.98 0.15
CA THR E 153 19.91 29.06 -0.48
C THR E 153 20.72 27.80 -0.19
N GLU E 154 20.39 27.12 0.91
CA GLU E 154 21.08 25.90 1.29
C GLU E 154 20.63 24.71 0.44
N TYR E 155 19.33 24.61 0.20
CA TYR E 155 18.79 23.59 -0.68
C TYR E 155 19.34 23.77 -2.09
N ILE E 156 19.32 25.01 -2.56
CA ILE E 156 19.83 25.37 -3.88
C ILE E 156 21.26 24.85 -4.10
N ASN E 157 22.07 24.91 -3.06
CA ASN E 157 23.50 24.64 -3.18
C ASN E 157 23.95 23.24 -2.75
N THR E 158 23.13 22.55 -1.97
CA THR E 158 23.52 21.23 -1.46
C THR E 158 22.39 20.21 -1.54
N GLY E 159 21.18 20.68 -1.86
CA GLY E 159 20.07 19.79 -2.12
C GLY E 159 19.12 19.57 -0.95
N LEU E 160 18.31 18.53 -1.08
CA LEU E 160 17.38 18.14 -0.01
C LEU E 160 17.92 16.90 0.71
N VAL F 1 -1.13 20.60 -46.36
CA VAL F 1 -2.00 19.46 -46.15
C VAL F 1 -1.63 18.76 -44.84
N LEU F 2 -0.59 19.27 -44.19
CA LEU F 2 -0.24 18.79 -42.86
C LEU F 2 -0.88 19.68 -41.80
N ASP F 3 -1.72 19.07 -40.97
CA ASP F 3 -2.53 19.82 -40.02
C ASP F 3 -1.83 20.01 -38.67
N GLY F 4 -1.35 21.23 -38.43
CA GLY F 4 -0.64 21.55 -37.20
C GLY F 4 0.45 22.57 -37.46
N PRO F 5 1.33 22.79 -36.47
CA PRO F 5 1.35 22.14 -35.15
C PRO F 5 0.53 22.89 -34.09
N TYR F 6 -0.17 22.12 -33.25
CA TYR F 6 -0.92 22.69 -32.14
C TYR F 6 -0.08 22.67 -30.87
N GLN F 7 -0.38 23.59 -29.96
CA GLN F 7 0.36 23.68 -28.70
C GLN F 7 -0.11 22.60 -27.72
N PRO F 8 0.79 22.19 -26.81
CA PRO F 8 0.48 21.21 -25.76
C PRO F 8 -0.84 21.51 -25.05
N VAL F 9 -1.74 20.54 -25.02
CA VAL F 9 -3.08 20.72 -24.48
C VAL F 9 -3.66 19.38 -24.06
N ALA F 10 -4.69 19.42 -23.22
CA ALA F 10 -5.40 18.20 -22.83
C ALA F 10 -6.78 18.20 -23.48
N PHE F 11 -7.09 17.10 -24.17
CA PHE F 11 -8.36 17.00 -24.89
C PHE F 11 -8.71 15.55 -25.22
N LYS F 12 -9.99 15.32 -25.49
CA LYS F 12 -10.43 14.03 -26.01
C LYS F 12 -10.34 14.05 -27.53
N PRO F 13 -9.37 13.31 -28.09
CA PRO F 13 -9.21 13.29 -29.54
C PRO F 13 -10.27 12.44 -30.23
N PRO F 14 -10.69 12.85 -31.43
CA PRO F 14 -11.70 12.11 -32.19
C PRO F 14 -11.20 10.74 -32.64
N ASN F 15 -12.12 9.87 -33.02
CA ASN F 15 -11.76 8.59 -33.63
C ASN F 15 -11.10 8.80 -34.98
N ASP F 16 -10.27 7.85 -35.38
CA ASP F 16 -9.68 7.82 -36.73
C ASP F 16 -8.83 9.04 -37.06
N TYR F 17 -8.17 9.59 -36.04
CA TYR F 17 -7.22 10.68 -36.26
C TYR F 17 -5.94 10.44 -35.46
N TRP F 18 -4.81 10.37 -36.15
CA TRP F 18 -3.52 10.19 -35.50
C TRP F 18 -3.06 11.48 -34.82
N ILE F 19 -2.62 11.36 -33.58
CA ILE F 19 -1.95 12.47 -32.90
C ILE F 19 -0.46 12.24 -32.95
N LEU F 20 0.21 12.95 -33.86
CA LEU F 20 1.65 12.81 -34.02
C LEU F 20 2.39 13.89 -33.25
N VAL F 21 3.15 13.50 -32.24
CA VAL F 21 3.80 14.46 -31.35
C VAL F 21 5.29 14.63 -31.66
N ASN F 22 5.73 15.88 -31.68
CA ASN F 22 7.13 16.23 -31.98
C ASN F 22 7.85 16.73 -30.73
N SER F 23 8.56 15.83 -30.05
CA SER F 23 9.14 16.07 -28.74
C SER F 23 10.62 16.41 -28.82
N ASN F 24 11.12 17.29 -27.97
CA ASN F 24 12.58 17.43 -28.02
C ASN F 24 13.21 17.45 -26.62
N SER F 25 12.40 17.48 -25.57
CA SER F 25 12.93 17.21 -24.23
C SER F 25 12.72 15.74 -23.85
N ASN F 26 13.40 15.30 -22.78
CA ASN F 26 13.38 13.88 -22.40
C ASN F 26 12.48 13.53 -21.23
N GLY F 27 11.48 14.36 -20.93
CA GLY F 27 10.58 14.03 -19.84
C GLY F 27 9.50 13.06 -20.26
N VAL F 28 8.32 13.21 -19.66
CA VAL F 28 7.12 12.59 -20.19
C VAL F 28 6.74 13.31 -21.48
N VAL F 29 6.61 12.55 -22.55
CA VAL F 29 6.24 13.12 -23.85
C VAL F 29 4.74 13.25 -23.96
N LEU F 30 4.03 12.28 -23.40
CA LEU F 30 2.63 12.09 -23.67
C LEU F 30 1.99 11.20 -22.61
N GLU F 31 0.80 11.57 -22.13
CA GLU F 31 0.03 10.70 -21.26
C GLU F 31 -1.47 10.80 -21.55
N GLY F 32 -2.17 9.67 -21.40
CA GLY F 32 -3.60 9.61 -21.65
C GLY F 32 -4.30 8.57 -20.80
N THR F 33 -5.55 8.86 -20.42
CA THR F 33 -6.32 7.94 -19.60
C THR F 33 -7.82 8.17 -19.73
N ASN F 34 -8.60 7.12 -19.48
CA ASN F 34 -10.05 7.21 -19.42
C ASN F 34 -10.55 7.01 -17.99
N ASN F 35 -9.61 6.80 -17.08
CA ASN F 35 -9.88 6.56 -15.67
C ASN F 35 -10.76 5.34 -15.40
N THR F 36 -10.70 4.35 -16.29
CA THR F 36 -11.39 3.08 -16.06
C THR F 36 -10.44 1.91 -16.27
N ASP F 37 -10.03 1.67 -17.51
CA ASP F 37 -9.13 0.54 -17.77
C ASP F 37 -7.93 0.88 -18.66
N VAL F 38 -7.63 2.18 -18.80
CA VAL F 38 -6.46 2.59 -19.59
C VAL F 38 -5.71 3.76 -18.97
N TRP F 39 -4.42 3.55 -18.69
CA TRP F 39 -3.49 4.62 -18.36
C TRP F 39 -2.22 4.41 -19.18
N VAL F 40 -1.92 5.36 -20.05
CA VAL F 40 -0.73 5.24 -20.88
C VAL F 40 0.11 6.49 -20.80
N ALA F 41 1.42 6.30 -20.69
CA ALA F 41 2.36 7.42 -20.70
C ALA F 41 3.62 7.01 -21.45
N ILE F 42 4.16 7.93 -22.23
CA ILE F 42 5.37 7.64 -22.98
C ILE F 42 6.53 8.48 -22.46
N ILE F 43 7.62 7.82 -22.12
CA ILE F 43 8.77 8.50 -21.52
C ILE F 43 9.94 8.45 -22.49
N SER F 44 10.57 9.61 -22.69
CA SER F 44 11.66 9.77 -23.64
C SER F 44 13.03 9.71 -22.97
N ILE F 45 13.93 8.89 -23.48
CA ILE F 45 15.29 8.80 -22.95
C ILE F 45 16.33 9.14 -24.02
N GLU F 46 17.14 10.15 -23.75
CA GLU F 46 18.17 10.61 -24.68
C GLU F 46 19.19 9.49 -24.96
N PRO F 47 19.87 9.56 -26.11
CA PRO F 47 20.83 8.52 -26.51
C PRO F 47 21.96 8.30 -25.50
N ASN F 48 22.52 7.08 -25.51
CA ASN F 48 23.72 6.75 -24.73
C ASN F 48 23.56 6.90 -23.22
N VAL F 49 22.52 6.28 -22.67
CA VAL F 49 22.31 6.28 -21.22
C VAL F 49 22.51 4.88 -20.65
N ASN F 50 23.51 4.71 -19.81
CA ASN F 50 23.72 3.45 -19.11
C ASN F 50 22.62 3.25 -18.06
N SER F 51 22.36 2.00 -17.69
CA SER F 51 21.26 1.67 -16.79
C SER F 51 21.33 2.46 -15.50
N GLU F 52 20.21 3.10 -15.15
CA GLU F 52 20.14 3.94 -13.96
C GLU F 52 18.68 4.21 -13.60
N SER F 53 18.47 4.85 -12.47
CA SER F 53 17.14 5.18 -12.01
C SER F 53 16.84 6.66 -12.24
N ARG F 54 15.65 6.95 -12.76
CA ARG F 54 15.23 8.32 -12.99
C ARG F 54 13.83 8.56 -12.45
N GLN F 55 13.53 9.80 -12.12
CA GLN F 55 12.22 10.15 -11.55
C GLN F 55 11.30 10.78 -12.58
N TYR F 56 10.08 10.25 -12.66
CA TYR F 56 9.08 10.78 -13.58
C TYR F 56 7.76 11.01 -12.86
N SER F 57 6.97 11.96 -13.36
CA SER F 57 5.64 12.22 -12.80
C SER F 57 4.55 11.67 -13.71
N LEU F 58 3.96 10.55 -13.30
CA LEU F 58 2.88 9.95 -14.08
C LEU F 58 1.52 10.27 -13.46
N PHE F 59 0.76 11.11 -14.15
CA PHE F 59 -0.57 11.53 -13.68
C PHE F 59 -0.53 12.11 -12.28
N GLY F 60 0.50 12.90 -11.99
CA GLY F 60 0.63 13.57 -10.72
C GLY F 60 1.37 12.79 -9.65
N VAL F 61 1.78 11.57 -9.97
CA VAL F 61 2.44 10.70 -8.99
C VAL F 61 3.88 10.38 -9.38
N ASN F 62 4.80 10.63 -8.45
CA ASN F 62 6.22 10.35 -8.69
C ASN F 62 6.54 8.87 -8.75
N LYS F 63 7.29 8.49 -9.78
CA LYS F 63 7.69 7.09 -9.98
C LYS F 63 9.19 7.01 -10.25
N GLN F 64 9.88 6.17 -9.50
CA GLN F 64 11.27 5.87 -9.79
C GLN F 64 11.30 4.74 -10.82
N ILE F 65 11.80 5.05 -12.01
CA ILE F 65 11.81 4.10 -13.11
C ILE F 65 13.24 3.83 -13.56
N THR F 66 13.60 2.56 -13.68
CA THR F 66 14.93 2.18 -14.16
C THR F 66 14.94 2.24 -15.68
N VAL F 67 15.83 3.07 -16.23
CA VAL F 67 15.89 3.24 -17.68
C VAL F 67 17.27 2.90 -18.22
N VAL F 68 17.32 2.53 -19.50
CA VAL F 68 18.59 2.24 -20.17
C VAL F 68 18.44 2.50 -21.67
N ASN F 69 19.48 3.03 -22.29
CA ASN F 69 19.48 3.29 -23.73
C ASN F 69 20.90 3.45 -24.26
N THR F 70 21.49 2.34 -24.66
CA THR F 70 22.89 2.35 -25.10
C THR F 70 23.07 2.62 -26.59
N SER F 71 22.04 3.18 -27.24
CA SER F 71 22.12 3.50 -28.65
C SER F 71 22.26 5.00 -28.88
N ASN F 72 22.48 5.40 -30.13
CA ASN F 72 22.56 6.81 -30.48
C ASN F 72 21.19 7.35 -30.90
N LYS F 73 20.20 6.48 -30.91
CA LYS F 73 18.82 6.90 -31.15
C LYS F 73 18.13 7.17 -29.83
N TRP F 74 17.10 8.02 -29.85
CA TRP F 74 16.30 8.29 -28.67
C TRP F 74 15.41 7.10 -28.34
N LYS F 75 15.11 6.91 -27.06
CA LYS F 75 14.27 5.81 -26.64
C LYS F 75 12.96 6.31 -26.04
N PHE F 76 11.85 5.75 -26.51
CA PHE F 76 10.54 6.12 -25.98
C PHE F 76 9.86 4.90 -25.37
N MET F 77 9.77 4.91 -24.04
CA MET F 77 9.14 3.81 -23.30
C MET F 77 7.64 4.04 -23.14
N GLU F 78 6.85 3.02 -23.46
CA GLU F 78 5.41 3.08 -23.21
C GLU F 78 5.04 2.41 -21.89
N MET F 79 4.59 3.22 -20.93
CA MET F 79 4.14 2.70 -19.63
C MET F 79 2.63 2.52 -19.66
N PHE F 80 2.15 1.41 -19.11
CA PHE F 80 0.74 1.08 -19.21
C PHE F 80 0.18 0.37 -17.97
N ARG F 81 -1.11 0.60 -17.70
CA ARG F 81 -1.83 -0.15 -16.69
C ARG F 81 -3.34 -0.06 -16.97
N ASN F 82 -4.09 -1.10 -16.58
CA ASN F 82 -5.51 -1.13 -16.87
C ASN F 82 -6.37 -1.00 -15.62
N ASN F 83 -5.78 -0.47 -14.55
CA ASN F 83 -6.45 -0.36 -13.27
C ASN F 83 -5.77 0.70 -12.42
N SER F 84 -6.57 1.61 -11.86
CA SER F 84 -6.04 2.70 -11.04
C SER F 84 -5.31 2.19 -9.81
N ASN F 85 -5.62 0.96 -9.40
CA ASN F 85 -4.98 0.35 -8.25
C ASN F 85 -3.81 -0.55 -8.64
N ALA F 86 -3.32 -0.40 -9.86
CA ALA F 86 -2.17 -1.17 -10.31
C ALA F 86 -0.97 -0.27 -10.56
N GLU F 87 0.21 -0.87 -10.71
CA GLU F 87 1.41 -0.12 -11.00
C GLU F 87 1.70 -0.13 -12.51
N PHE F 88 2.24 0.98 -13.01
CA PHE F 88 2.65 1.07 -14.40
C PHE F 88 3.74 0.06 -14.75
N GLN F 89 3.66 -0.50 -15.94
CA GLN F 89 4.66 -1.45 -16.42
C GLN F 89 5.22 -1.00 -17.76
N HIS F 90 6.42 -1.48 -18.08
CA HIS F 90 7.05 -1.16 -19.37
C HIS F 90 6.51 -2.08 -20.45
N LYS F 91 5.47 -1.62 -21.14
CA LYS F 91 4.77 -2.46 -22.10
C LYS F 91 5.48 -2.55 -23.46
N ARG F 92 5.96 -1.41 -23.97
CA ARG F 92 6.56 -1.35 -25.30
C ARG F 92 7.65 -0.29 -25.42
N THR F 93 8.43 -0.39 -26.49
CA THR F 93 9.53 0.52 -26.71
C THR F 93 9.63 1.00 -28.16
N LEU F 94 9.69 2.31 -28.35
CA LEU F 94 9.98 2.89 -29.65
C LEU F 94 11.39 3.44 -29.66
N THR F 95 12.21 2.95 -30.58
CA THR F 95 13.58 3.44 -30.74
C THR F 95 13.66 4.26 -32.02
N SER F 96 13.80 5.58 -31.88
CA SER F 96 13.63 6.49 -33.00
C SER F 96 14.75 7.50 -33.18
N SER F 97 15.03 7.82 -34.43
CA SER F 97 15.98 8.88 -34.77
C SER F 97 15.24 10.15 -35.14
N THR F 98 13.91 10.10 -35.10
CA THR F 98 13.10 11.24 -35.50
C THR F 98 12.46 11.94 -34.30
N LYS F 99 12.38 11.23 -33.17
CA LYS F 99 11.75 11.74 -31.95
C LYS F 99 10.28 12.09 -32.19
N LEU F 100 9.63 11.34 -33.07
CA LEU F 100 8.20 11.52 -33.34
C LEU F 100 7.39 10.38 -32.74
N VAL F 101 6.25 10.73 -32.15
CA VAL F 101 5.45 9.79 -31.37
C VAL F 101 3.97 9.88 -31.74
N GLY F 102 3.33 8.72 -31.89
CA GLY F 102 1.93 8.70 -32.30
C GLY F 102 0.99 7.97 -31.37
N ILE F 103 -0.26 8.43 -31.36
CA ILE F 103 -1.33 7.74 -30.62
C ILE F 103 -2.67 7.94 -31.34
N LEU F 104 -3.42 6.85 -31.48
CA LEU F 104 -4.65 6.86 -32.27
C LEU F 104 -5.76 6.07 -31.57
N LYS F 105 -6.99 6.53 -31.73
CA LYS F 105 -8.15 5.83 -31.21
C LYS F 105 -9.00 5.26 -32.35
N HIS F 106 -8.92 3.95 -32.58
CA HIS F 106 -9.78 3.30 -33.58
C HIS F 106 -10.20 1.88 -33.19
N GLY F 107 -11.43 1.54 -33.56
CA GLY F 107 -11.93 0.19 -33.45
C GLY F 107 -11.87 -0.40 -32.06
N GLY F 108 -12.24 0.40 -31.07
CA GLY F 108 -12.21 -0.02 -29.68
C GLY F 108 -10.82 -0.35 -29.20
N ARG F 109 -9.81 0.30 -29.78
CA ARG F 109 -8.42 0.05 -29.44
C ARG F 109 -7.58 1.31 -29.44
N LEU F 110 -6.56 1.33 -28.59
CA LEU F 110 -5.61 2.44 -28.55
C LEU F 110 -4.32 2.04 -29.24
N TRP F 111 -3.93 2.78 -30.27
CA TRP F 111 -2.78 2.41 -31.09
C TRP F 111 -1.59 3.32 -30.85
N THR F 112 -0.38 2.73 -30.88
CA THR F 112 0.87 3.48 -30.77
C THR F 112 1.89 2.85 -31.71
N TYR F 113 3.06 3.47 -31.82
CA TYR F 113 4.15 2.91 -32.61
C TYR F 113 5.20 2.27 -31.71
N HIS F 114 5.79 1.18 -32.19
CA HIS F 114 6.90 0.55 -31.47
C HIS F 114 7.82 -0.13 -32.46
N GLY F 115 9.01 -0.51 -31.98
CA GLY F 115 10.04 -1.05 -32.83
C GLY F 115 11.16 -0.04 -32.98
N GLU F 116 12.00 -0.25 -34.00
CA GLU F 116 13.10 0.67 -34.27
C GLU F 116 12.96 1.27 -35.67
N THR F 117 13.07 2.60 -35.75
CA THR F 117 13.05 3.31 -37.02
C THR F 117 14.22 2.84 -37.90
N PRO F 118 14.02 2.80 -39.23
CA PRO F 118 12.83 3.23 -39.97
C PRO F 118 11.79 2.14 -40.18
N ASN F 119 11.74 1.16 -39.29
CA ASN F 119 10.82 0.03 -39.45
C ASN F 119 9.80 -0.05 -38.32
N ALA F 120 9.50 1.09 -37.72
CA ALA F 120 8.53 1.15 -36.62
C ALA F 120 7.12 0.91 -37.15
N THR F 121 6.38 0.05 -36.43
CA THR F 121 5.03 -0.31 -36.81
C THR F 121 4.07 -0.08 -35.66
N THR F 122 2.77 -0.16 -35.96
CA THR F 122 1.76 0.09 -34.94
C THR F 122 1.42 -1.16 -34.13
N ASP F 123 0.92 -0.94 -32.92
CA ASP F 123 0.41 -2.01 -32.07
C ASP F 123 -0.63 -1.40 -31.13
N TYR F 124 -1.48 -2.24 -30.53
CA TYR F 124 -2.66 -1.73 -29.83
C TYR F 124 -2.74 -2.08 -28.36
N SER F 125 -3.67 -1.42 -27.66
CA SER F 125 -4.08 -1.81 -26.33
C SER F 125 -5.59 -1.99 -26.33
N THR F 126 -6.09 -2.84 -25.42
CA THR F 126 -7.51 -3.15 -25.35
C THR F 126 -8.22 -2.24 -24.34
N THR F 127 -9.44 -1.82 -24.66
CA THR F 127 -10.25 -1.05 -23.73
C THR F 127 -11.75 -1.29 -23.94
N SER F 128 -12.52 -1.07 -22.89
CA SER F 128 -13.97 -1.16 -22.97
C SER F 128 -14.56 0.24 -23.00
N ASN F 129 -13.69 1.23 -23.01
CA ASN F 129 -14.08 2.62 -22.86
C ASN F 129 -13.23 3.54 -23.72
N LEU F 130 -13.17 3.25 -25.02
CA LEU F 130 -12.25 3.95 -25.92
C LEU F 130 -12.52 5.45 -26.04
N ASN F 131 -13.77 5.82 -26.27
CA ASN F 131 -14.11 7.20 -26.58
C ASN F 131 -13.84 8.18 -25.45
N GLU F 132 -13.76 7.67 -24.22
CA GLU F 132 -13.57 8.53 -23.06
C GLU F 132 -12.10 8.86 -22.81
N ILE F 133 -11.21 8.14 -23.47
CA ILE F 133 -9.78 8.39 -23.31
C ILE F 133 -9.43 9.81 -23.72
N SER F 134 -9.01 10.61 -22.75
CA SER F 134 -8.49 11.94 -23.03
C SER F 134 -6.97 11.89 -23.03
N VAL F 135 -6.35 12.82 -23.74
CA VAL F 135 -4.91 12.80 -23.95
C VAL F 135 -4.28 14.13 -23.58
N THR F 136 -3.11 14.09 -22.95
CA THR F 136 -2.32 15.29 -22.70
C THR F 136 -0.94 15.14 -23.31
N THR F 137 -0.55 16.11 -24.14
CA THR F 137 0.78 16.10 -24.75
C THR F 137 1.64 17.22 -24.16
N TYR F 138 2.95 17.02 -24.16
CA TYR F 138 3.85 18.00 -23.56
C TYR F 138 4.77 18.62 -24.60
N ALA F 139 4.43 18.39 -25.87
CA ALA F 139 5.11 19.01 -27.00
C ALA F 139 4.11 19.21 -28.13
N GLU F 140 4.49 19.97 -29.14
CA GLU F 140 3.58 20.23 -30.25
C GLU F 140 3.21 18.96 -31.00
N PHE F 141 2.01 18.94 -31.55
CA PHE F 141 1.53 17.76 -32.24
C PHE F 141 0.78 18.08 -33.53
N TYR F 142 0.57 17.06 -34.33
CA TYR F 142 -0.13 17.18 -35.60
C TYR F 142 -1.33 16.25 -35.64
N ILE F 143 -2.32 16.61 -36.44
CA ILE F 143 -3.48 15.75 -36.63
C ILE F 143 -3.45 15.15 -38.03
N ILE F 144 -3.53 13.83 -38.10
CA ILE F 144 -3.48 13.12 -39.38
C ILE F 144 -4.58 12.06 -39.44
N PRO F 145 -5.44 12.15 -40.47
CA PRO F 145 -6.50 11.15 -40.66
C PRO F 145 -5.90 9.76 -40.82
N ARG F 146 -6.56 8.74 -40.32
CA ARG F 146 -6.07 7.37 -40.44
C ARG F 146 -5.95 6.99 -41.92
N SER F 147 -6.86 7.51 -42.74
CA SER F 147 -6.83 7.24 -44.18
C SER F 147 -5.48 7.56 -44.78
N GLN F 148 -4.74 8.44 -44.10
CA GLN F 148 -3.37 8.77 -44.48
C GLN F 148 -2.38 8.25 -43.44
N GLU F 149 -2.67 7.09 -42.85
CA GLU F 149 -1.78 6.48 -41.87
C GLU F 149 -0.42 6.16 -42.46
N SER F 150 -0.40 5.74 -43.72
CA SER F 150 0.84 5.45 -44.41
C SER F 150 1.77 6.65 -44.30
N LYS F 151 1.20 7.84 -44.46
CA LYS F 151 1.96 9.08 -44.34
C LYS F 151 2.46 9.30 -42.91
N CYS F 152 1.65 8.88 -41.94
CA CYS F 152 2.01 9.02 -40.53
C CYS F 152 3.17 8.08 -40.21
N THR F 153 3.07 6.84 -40.66
CA THR F 153 4.15 5.87 -40.49
C THR F 153 5.41 6.34 -41.19
N GLU F 154 5.26 7.10 -42.27
CA GLU F 154 6.39 7.71 -42.96
C GLU F 154 7.10 8.73 -42.07
N TYR F 155 6.32 9.62 -41.45
CA TYR F 155 6.88 10.66 -40.60
C TYR F 155 7.58 10.05 -39.38
N ILE F 156 6.97 9.03 -38.81
CA ILE F 156 7.52 8.31 -37.66
C ILE F 156 8.93 7.79 -37.93
N ASN F 157 9.16 7.33 -39.16
CA ASN F 157 10.36 6.56 -39.45
C ASN F 157 11.49 7.30 -40.19
N THR F 158 11.16 8.38 -40.89
CA THR F 158 12.19 9.08 -41.66
C THR F 158 12.15 10.60 -41.46
N GLY F 159 11.21 11.07 -40.63
CA GLY F 159 11.19 12.46 -40.23
C GLY F 159 10.14 13.32 -40.92
N LEU F 160 10.15 14.61 -40.61
CA LEU F 160 9.29 15.56 -41.28
C LEU F 160 10.03 16.24 -42.44
N VAL G 1 23.58 -26.75 -10.19
CA VAL G 1 23.28 -25.32 -10.20
C VAL G 1 22.40 -24.94 -11.40
N LEU G 2 22.66 -25.55 -12.57
CA LEU G 2 22.06 -25.14 -13.82
C LEU G 2 22.06 -26.30 -14.77
N ASP G 3 20.87 -26.70 -15.22
CA ASP G 3 20.73 -27.95 -15.98
C ASP G 3 21.15 -27.80 -17.45
N GLY G 4 22.40 -28.14 -17.75
CA GLY G 4 22.90 -28.05 -19.11
C GLY G 4 24.42 -28.09 -19.18
N PRO G 5 24.99 -27.80 -20.36
CA PRO G 5 24.25 -27.43 -21.56
C PRO G 5 23.81 -28.63 -22.40
N TYR G 6 22.74 -28.45 -23.16
CA TYR G 6 22.27 -29.45 -24.10
C TYR G 6 22.55 -28.99 -25.52
N GLN G 7 22.79 -29.93 -26.42
CA GLN G 7 23.06 -29.61 -27.82
C GLN G 7 21.76 -29.27 -28.55
N PRO G 8 21.85 -28.47 -29.63
CA PRO G 8 20.69 -28.12 -30.44
C PRO G 8 19.88 -29.34 -30.85
N VAL G 9 18.57 -29.26 -30.69
CA VAL G 9 17.69 -30.40 -30.92
C VAL G 9 16.25 -29.94 -31.07
N ALA G 10 15.41 -30.77 -31.69
CA ALA G 10 13.99 -30.50 -31.77
C ALA G 10 13.24 -31.41 -30.79
N PHE G 11 12.41 -30.82 -29.95
CA PHE G 11 11.68 -31.58 -28.93
C PHE G 11 10.50 -30.79 -28.38
N LYS G 12 9.68 -31.46 -27.57
CA LYS G 12 8.57 -30.79 -26.91
C LYS G 12 8.86 -30.59 -25.41
N PRO G 13 9.27 -29.37 -25.04
CA PRO G 13 9.59 -29.05 -23.65
C PRO G 13 8.42 -29.22 -22.71
N PRO G 14 8.67 -29.76 -21.51
CA PRO G 14 7.62 -29.88 -20.50
C PRO G 14 7.14 -28.50 -20.07
N ASN G 15 5.95 -28.42 -19.50
CA ASN G 15 5.46 -27.15 -18.98
C ASN G 15 6.28 -26.71 -17.76
N ASP G 16 6.27 -25.41 -17.49
CA ASP G 16 6.92 -24.81 -16.34
C ASP G 16 8.43 -25.06 -16.27
N TYR G 17 9.07 -25.08 -17.44
CA TYR G 17 10.53 -25.11 -17.52
C TYR G 17 11.03 -24.08 -18.52
N TRP G 18 11.96 -23.23 -18.07
CA TRP G 18 12.58 -22.26 -18.96
C TRP G 18 13.64 -22.92 -19.84
N ILE G 19 13.60 -22.60 -21.14
CA ILE G 19 14.65 -23.01 -22.06
C ILE G 19 15.57 -21.84 -22.35
N LEU G 20 16.77 -21.87 -21.78
CA LEU G 20 17.69 -20.75 -21.88
C LEU G 20 18.76 -20.99 -22.94
N VAL G 21 18.52 -20.47 -24.15
CA VAL G 21 19.43 -20.70 -25.28
C VAL G 21 20.62 -19.74 -25.26
N ASN G 22 21.82 -20.29 -25.43
CA ASN G 22 23.02 -19.47 -25.50
C ASN G 22 23.41 -19.23 -26.96
N SER G 23 22.79 -18.22 -27.56
CA SER G 23 23.03 -17.85 -28.95
C SER G 23 24.49 -17.46 -29.19
N ASN G 24 24.94 -17.60 -30.43
CA ASN G 24 26.30 -17.20 -30.79
C ASN G 24 26.35 -16.37 -32.07
N SER G 25 26.41 -17.00 -33.22
CA SER G 25 26.39 -16.28 -34.50
C SER G 25 25.00 -15.72 -34.76
N ASN G 26 24.88 -14.82 -35.74
CA ASN G 26 23.59 -14.25 -36.08
C ASN G 26 22.73 -15.22 -36.90
N GLY G 27 21.43 -14.97 -36.95
CA GLY G 27 20.51 -15.82 -37.67
C GLY G 27 19.38 -16.33 -36.80
N VAL G 28 18.78 -17.44 -37.21
CA VAL G 28 17.69 -18.03 -36.44
C VAL G 28 18.22 -18.77 -35.22
N VAL G 29 17.82 -18.31 -34.05
CA VAL G 29 18.27 -18.89 -32.79
C VAL G 29 17.34 -20.02 -32.36
N LEU G 30 16.06 -19.87 -32.69
CA LEU G 30 15.03 -20.68 -32.07
C LEU G 30 13.72 -20.55 -32.84
N GLU G 31 13.05 -21.68 -33.07
CA GLU G 31 11.69 -21.62 -33.58
C GLU G 31 10.84 -22.74 -32.98
N GLY G 32 9.54 -22.51 -32.94
CA GLY G 32 8.61 -23.45 -32.37
C GLY G 32 7.19 -23.26 -32.87
N THR G 33 6.44 -24.36 -32.92
CA THR G 33 5.08 -24.32 -33.43
C THR G 33 4.26 -25.52 -32.98
N ASN G 34 2.94 -25.35 -32.92
CA ASN G 34 2.03 -26.45 -32.66
C ASN G 34 1.23 -26.78 -33.92
N ASN G 35 1.56 -26.08 -35.01
CA ASN G 35 0.91 -26.24 -36.30
C ASN G 35 -0.60 -25.96 -36.25
N THR G 36 -1.01 -25.19 -35.26
CA THR G 36 -2.42 -24.80 -35.13
C THR G 36 -2.55 -23.29 -35.04
N ASP G 37 -2.08 -22.71 -33.94
CA ASP G 37 -2.27 -21.29 -33.70
C ASP G 37 -1.01 -20.58 -33.21
N VAL G 38 0.13 -21.26 -33.25
CA VAL G 38 1.38 -20.66 -32.79
C VAL G 38 2.55 -20.92 -33.74
N TRP G 39 3.20 -19.84 -34.15
CA TRP G 39 4.46 -19.91 -34.88
C TRP G 39 5.40 -18.84 -34.34
N VAL G 40 6.50 -19.27 -33.72
CA VAL G 40 7.50 -18.33 -33.24
C VAL G 40 8.88 -18.62 -33.84
N ALA G 41 9.55 -17.56 -34.26
CA ALA G 41 10.94 -17.66 -34.66
C ALA G 41 11.69 -16.47 -34.06
N ILE G 42 12.85 -16.73 -33.47
CA ILE G 42 13.66 -15.67 -32.90
C ILE G 42 14.95 -15.49 -33.68
N ILE G 43 15.12 -14.31 -34.26
CA ILE G 43 16.26 -14.02 -35.11
C ILE G 43 17.22 -13.05 -34.43
N SER G 44 18.52 -13.38 -34.51
CA SER G 44 19.56 -12.55 -33.92
C SER G 44 20.20 -11.60 -34.94
N ILE G 45 20.45 -10.37 -34.51
CA ILE G 45 21.13 -9.40 -35.35
C ILE G 45 22.33 -8.83 -34.60
N GLU G 46 23.51 -8.90 -35.22
CA GLU G 46 24.74 -8.39 -34.62
C GLU G 46 24.64 -6.88 -34.39
N PRO G 47 25.51 -6.34 -33.50
CA PRO G 47 25.53 -4.90 -33.24
C PRO G 47 25.84 -4.05 -34.47
N ASN G 48 25.40 -2.80 -34.45
CA ASN G 48 25.72 -1.81 -35.49
C ASN G 48 25.39 -2.27 -36.90
N VAL G 49 24.10 -2.53 -37.14
CA VAL G 49 23.62 -2.86 -38.47
C VAL G 49 22.65 -1.79 -38.92
N ASN G 50 22.96 -1.13 -40.02
CA ASN G 50 22.05 -0.15 -40.59
C ASN G 50 20.88 -0.85 -41.25
N SER G 51 19.76 -0.13 -41.40
CA SER G 51 18.55 -0.70 -41.95
C SER G 51 18.79 -1.40 -43.28
N GLU G 52 18.58 -2.70 -43.30
CA GLU G 52 18.76 -3.50 -44.50
C GLU G 52 17.79 -4.66 -44.52
N SER G 53 17.85 -5.45 -45.59
CA SER G 53 16.99 -6.62 -45.70
C SER G 53 17.84 -7.89 -45.72
N ARG G 54 17.39 -8.90 -44.98
CA ARG G 54 18.09 -10.18 -44.95
C ARG G 54 17.13 -11.35 -45.18
N GLN G 55 17.66 -12.43 -45.75
CA GLN G 55 16.89 -13.64 -45.98
C GLN G 55 17.04 -14.70 -44.89
N TYR G 56 15.90 -15.27 -44.47
CA TYR G 56 15.91 -16.36 -43.51
C TYR G 56 15.00 -17.50 -43.96
N SER G 57 15.26 -18.70 -43.44
CA SER G 57 14.33 -19.81 -43.64
C SER G 57 13.60 -20.08 -42.33
N LEU G 58 12.31 -19.83 -42.32
CA LEU G 58 11.48 -20.07 -41.14
C LEU G 58 10.50 -21.21 -41.41
N PHE G 59 10.75 -22.35 -40.76
CA PHE G 59 9.94 -23.55 -40.96
C PHE G 59 9.92 -23.99 -42.43
N GLY G 60 11.08 -23.91 -43.07
CA GLY G 60 11.24 -24.39 -44.44
C GLY G 60 10.78 -23.44 -45.52
N VAL G 61 10.41 -22.22 -45.14
CA VAL G 61 9.93 -21.23 -46.10
C VAL G 61 10.82 -19.99 -46.13
N ASN G 62 11.23 -19.59 -47.33
CA ASN G 62 12.09 -18.42 -47.49
C ASN G 62 11.38 -17.13 -47.13
N LYS G 63 12.06 -16.29 -46.35
CA LYS G 63 11.50 -15.02 -45.90
C LYS G 63 12.52 -13.90 -46.05
N GLN G 64 12.09 -12.78 -46.61
CA GLN G 64 12.93 -11.60 -46.69
C GLN G 64 12.49 -10.64 -45.60
N ILE G 65 13.37 -10.40 -44.63
CA ILE G 65 12.99 -9.60 -43.47
C ILE G 65 13.85 -8.34 -43.35
N THR G 66 13.19 -7.21 -43.12
CA THR G 66 13.91 -5.95 -42.88
C THR G 66 14.43 -5.93 -41.45
N VAL G 67 15.68 -5.53 -41.27
CA VAL G 67 16.27 -5.46 -39.94
C VAL G 67 17.04 -4.16 -39.75
N VAL G 68 17.24 -3.80 -38.48
CA VAL G 68 18.05 -2.66 -38.10
C VAL G 68 18.52 -2.86 -36.66
N ASN G 69 19.79 -2.59 -36.41
CA ASN G 69 20.32 -2.67 -35.06
C ASN G 69 21.44 -1.66 -34.87
N THR G 70 21.05 -0.45 -34.48
CA THR G 70 21.91 0.71 -34.47
C THR G 70 22.60 0.82 -33.09
N SER G 71 22.25 -0.11 -32.21
CA SER G 71 22.86 -0.18 -30.88
C SER G 71 24.15 -0.99 -30.88
N ASN G 72 24.93 -0.89 -29.80
CA ASN G 72 26.13 -1.70 -29.64
C ASN G 72 25.81 -3.03 -28.97
N LYS G 73 24.53 -3.30 -28.77
CA LYS G 73 24.07 -4.56 -28.21
C LYS G 73 23.50 -5.46 -29.30
N TRP G 74 23.38 -6.74 -29.01
CA TRP G 74 22.78 -7.68 -29.94
C TRP G 74 21.26 -7.57 -29.92
N LYS G 75 20.64 -7.71 -31.09
CA LYS G 75 19.20 -7.59 -31.19
C LYS G 75 18.55 -8.95 -31.45
N PHE G 76 17.43 -9.20 -30.78
CA PHE G 76 16.70 -10.44 -30.97
C PHE G 76 15.25 -10.15 -31.30
N MET G 77 14.88 -10.38 -32.55
CA MET G 77 13.53 -10.12 -33.04
C MET G 77 12.65 -11.35 -32.86
N GLU G 78 11.51 -11.18 -32.20
CA GLU G 78 10.53 -12.25 -32.07
C GLU G 78 9.51 -12.19 -33.21
N MET G 79 9.59 -13.15 -34.11
CA MET G 79 8.68 -13.20 -35.26
C MET G 79 7.52 -14.14 -34.95
N PHE G 80 6.30 -13.65 -35.13
CA PHE G 80 5.12 -14.39 -34.69
C PHE G 80 3.94 -14.34 -35.67
N ARG G 81 3.15 -15.39 -35.65
CA ARG G 81 1.86 -15.44 -36.34
C ARG G 81 1.00 -16.50 -35.66
N ASN G 82 -0.32 -16.38 -35.78
CA ASN G 82 -1.21 -17.35 -35.13
C ASN G 82 -2.03 -18.17 -36.11
N ASN G 83 -1.60 -18.19 -37.38
CA ASN G 83 -2.33 -18.93 -38.40
C ASN G 83 -1.42 -19.33 -39.55
N SER G 84 -1.67 -20.52 -40.10
CA SER G 84 -0.83 -21.07 -41.15
C SER G 84 -0.89 -20.27 -42.44
N ASN G 85 -1.89 -19.40 -42.55
CA ASN G 85 -2.12 -18.66 -43.79
C ASN G 85 -1.99 -17.15 -43.62
N ALA G 86 -1.19 -16.75 -42.64
CA ALA G 86 -0.88 -15.33 -42.44
C ALA G 86 0.63 -15.15 -42.47
N GLU G 87 1.08 -13.91 -42.70
CA GLU G 87 2.51 -13.64 -42.69
C GLU G 87 3.04 -13.47 -41.27
N PHE G 88 4.33 -13.77 -41.10
CA PHE G 88 5.00 -13.52 -39.83
C PHE G 88 5.06 -12.03 -39.56
N GLN G 89 5.08 -11.66 -38.28
CA GLN G 89 5.19 -10.25 -37.91
C GLN G 89 6.23 -10.06 -36.82
N HIS G 90 6.90 -8.91 -36.85
CA HIS G 90 7.81 -8.54 -35.77
C HIS G 90 7.00 -8.12 -34.57
N LYS G 91 6.88 -9.01 -33.60
CA LYS G 91 6.03 -8.78 -32.44
C LYS G 91 6.78 -8.11 -31.28
N ARG G 92 7.97 -8.60 -30.99
CA ARG G 92 8.73 -8.13 -29.84
C ARG G 92 10.21 -8.02 -30.12
N THR G 93 10.92 -7.30 -29.25
CA THR G 93 12.35 -7.12 -29.41
C THR G 93 13.09 -7.27 -28.07
N LEU G 94 14.19 -8.01 -28.10
CA LEU G 94 15.09 -8.11 -26.96
C LEU G 94 16.47 -7.58 -27.32
N THR G 95 16.84 -6.44 -26.76
CA THR G 95 18.16 -5.86 -26.99
C THR G 95 19.09 -6.29 -25.85
N SER G 96 20.10 -7.09 -26.17
CA SER G 96 20.85 -7.79 -25.15
C SER G 96 22.36 -7.70 -25.32
N SER G 97 23.07 -7.71 -24.20
CA SER G 97 24.52 -7.72 -24.20
C SER G 97 25.03 -9.08 -23.77
N THR G 98 24.10 -9.97 -23.42
CA THR G 98 24.43 -11.29 -22.89
C THR G 98 24.16 -12.40 -23.89
N LYS G 99 23.39 -12.08 -24.93
CA LYS G 99 23.06 -13.02 -26.00
C LYS G 99 22.28 -14.25 -25.52
N LEU G 100 21.64 -14.13 -24.36
CA LEU G 100 20.82 -15.20 -23.83
C LEU G 100 19.36 -15.01 -24.19
N VAL G 101 18.72 -16.08 -24.64
CA VAL G 101 17.32 -16.06 -25.05
C VAL G 101 16.54 -17.18 -24.36
N GLY G 102 15.39 -16.84 -23.79
CA GLY G 102 14.59 -17.82 -23.08
C GLY G 102 13.19 -18.00 -23.64
N ILE G 103 12.62 -19.19 -23.41
CA ILE G 103 11.24 -19.47 -23.81
C ILE G 103 10.61 -20.45 -22.81
N LEU G 104 9.33 -20.20 -22.49
CA LEU G 104 8.65 -20.96 -21.45
C LEU G 104 7.19 -21.23 -21.77
N LYS G 105 6.80 -22.50 -21.64
CA LYS G 105 5.39 -22.90 -21.77
C LYS G 105 4.76 -22.98 -20.38
N HIS G 106 3.83 -22.07 -20.08
CA HIS G 106 3.17 -22.07 -18.77
C HIS G 106 1.82 -21.36 -18.74
N GLY G 107 0.84 -22.00 -18.11
CA GLY G 107 -0.44 -21.38 -17.81
C GLY G 107 -1.30 -21.07 -19.02
N GLY G 108 -1.11 -21.83 -20.10
CA GLY G 108 -1.87 -21.61 -21.32
C GLY G 108 -1.27 -20.49 -22.16
N ARG G 109 -0.06 -20.08 -21.80
CA ARG G 109 0.63 -19.00 -22.51
C ARG G 109 2.06 -19.39 -22.87
N LEU G 110 2.60 -18.78 -23.91
CA LEU G 110 4.00 -18.98 -24.28
C LEU G 110 4.79 -17.73 -23.94
N TRP G 111 5.80 -17.88 -23.08
CA TRP G 111 6.54 -16.74 -22.55
C TRP G 111 7.93 -16.58 -23.15
N THR G 112 8.32 -15.33 -23.35
CA THR G 112 9.67 -14.97 -23.79
C THR G 112 10.09 -13.69 -23.08
N TYR G 113 11.35 -13.30 -23.24
CA TYR G 113 11.84 -12.04 -22.69
C TYR G 113 11.89 -10.94 -23.75
N HIS G 114 11.66 -9.70 -23.34
CA HIS G 114 11.81 -8.57 -24.25
C HIS G 114 12.24 -7.33 -23.48
N GLY G 115 12.51 -6.26 -24.22
CA GLY G 115 13.05 -5.05 -23.62
C GLY G 115 14.56 -5.03 -23.76
N GLU G 116 15.24 -4.25 -22.94
CA GLU G 116 16.69 -4.15 -23.01
C GLU G 116 17.37 -4.49 -21.69
N THR G 117 18.38 -5.35 -21.76
CA THR G 117 19.22 -5.67 -20.62
C THR G 117 19.87 -4.39 -20.09
N PRO G 118 20.05 -4.30 -18.76
CA PRO G 118 19.75 -5.33 -17.76
C PRO G 118 18.33 -5.28 -17.20
N ASN G 119 17.38 -4.75 -17.98
CA ASN G 119 16.01 -4.59 -17.50
C ASN G 119 14.99 -5.38 -18.31
N ALA G 120 15.44 -6.42 -19.00
CA ALA G 120 14.56 -7.28 -19.78
C ALA G 120 13.54 -7.96 -18.88
N THR G 121 12.31 -8.06 -19.37
CA THR G 121 11.22 -8.68 -18.62
C THR G 121 10.47 -9.68 -19.50
N THR G 122 9.65 -10.52 -18.87
CA THR G 122 8.92 -11.54 -19.59
C THR G 122 7.61 -11.00 -20.14
N ASP G 123 7.13 -11.63 -21.21
CA ASP G 123 5.84 -11.32 -21.80
C ASP G 123 5.30 -12.58 -22.46
N TYR G 124 4.05 -12.57 -22.89
CA TYR G 124 3.39 -13.78 -23.35
C TYR G 124 2.70 -13.67 -24.71
N SER G 125 2.50 -14.82 -25.34
CA SER G 125 1.56 -14.95 -26.44
C SER G 125 0.47 -15.92 -25.99
N THR G 126 -0.72 -15.81 -26.56
CA THR G 126 -1.82 -16.66 -26.12
C THR G 126 -2.03 -17.83 -27.09
N THR G 127 -2.44 -18.97 -26.55
CA THR G 127 -2.60 -20.17 -27.35
C THR G 127 -3.73 -21.06 -26.82
N SER G 128 -4.24 -21.93 -27.67
CA SER G 128 -5.29 -22.87 -27.29
C SER G 128 -4.74 -24.29 -27.27
N ASN G 129 -3.48 -24.42 -27.67
CA ASN G 129 -2.85 -25.73 -27.82
C ASN G 129 -1.40 -25.68 -27.35
N LEU G 130 -1.21 -25.29 -26.10
CA LEU G 130 0.12 -25.07 -25.54
C LEU G 130 0.98 -26.33 -25.52
N ASN G 131 0.40 -27.45 -25.08
CA ASN G 131 1.15 -28.68 -24.87
C ASN G 131 1.71 -29.29 -26.14
N GLU G 132 1.16 -28.92 -27.29
CA GLU G 132 1.59 -29.46 -28.57
C GLU G 132 2.74 -28.66 -29.18
N ILE G 133 3.11 -27.57 -28.53
CA ILE G 133 4.20 -26.73 -29.02
C ILE G 133 5.55 -27.40 -28.85
N SER G 134 6.20 -27.71 -29.97
CA SER G 134 7.54 -28.26 -29.93
C SER G 134 8.54 -27.17 -30.30
N VAL G 135 9.75 -27.30 -29.78
CA VAL G 135 10.78 -26.27 -29.93
C VAL G 135 12.03 -26.82 -30.60
N THR G 136 12.54 -26.08 -31.58
CA THR G 136 13.80 -26.44 -32.22
C THR G 136 14.85 -25.36 -31.97
N THR G 137 15.86 -25.70 -31.16
CA THR G 137 16.94 -24.76 -30.87
C THR G 137 18.04 -24.90 -31.90
N TYR G 138 18.80 -23.84 -32.12
CA TYR G 138 19.93 -23.88 -33.05
C TYR G 138 21.22 -23.49 -32.35
N ALA G 139 21.19 -23.55 -31.02
CA ALA G 139 22.38 -23.31 -30.20
C ALA G 139 22.20 -24.02 -28.86
N GLU G 140 23.31 -24.19 -28.13
CA GLU G 140 23.27 -24.80 -26.80
C GLU G 140 22.26 -24.13 -25.89
N PHE G 141 21.63 -24.91 -25.02
CA PHE G 141 20.66 -24.36 -24.09
C PHE G 141 20.69 -25.03 -22.73
N TYR G 142 19.98 -24.43 -21.77
CA TYR G 142 19.89 -24.95 -20.42
C TYR G 142 18.42 -25.06 -20.01
N ILE G 143 18.15 -25.87 -18.99
CA ILE G 143 16.79 -25.98 -18.46
C ILE G 143 16.71 -25.45 -17.05
N ILE G 144 15.89 -24.43 -16.82
CA ILE G 144 15.67 -23.89 -15.48
C ILE G 144 14.20 -23.96 -15.12
N PRO G 145 13.88 -24.57 -13.97
CA PRO G 145 12.49 -24.66 -13.51
C PRO G 145 11.87 -23.29 -13.33
N ARG G 146 10.55 -23.20 -13.48
CA ARG G 146 9.84 -21.93 -13.30
C ARG G 146 10.02 -21.40 -11.88
N SER G 147 10.20 -22.30 -10.93
CA SER G 147 10.41 -21.92 -9.53
C SER G 147 11.61 -20.98 -9.37
N GLN G 148 12.68 -21.28 -10.11
CA GLN G 148 13.88 -20.43 -10.05
C GLN G 148 13.93 -19.44 -11.22
N GLU G 149 12.78 -18.84 -11.54
CA GLU G 149 12.72 -17.90 -12.67
C GLU G 149 13.54 -16.65 -12.40
N SER G 150 13.65 -16.27 -11.13
CA SER G 150 14.41 -15.08 -10.74
C SER G 150 15.87 -15.19 -11.19
N LYS G 151 16.42 -16.40 -11.13
CA LYS G 151 17.79 -16.65 -11.58
C LYS G 151 17.89 -16.63 -13.10
N CYS G 152 16.79 -17.00 -13.77
CA CYS G 152 16.75 -17.00 -15.22
C CYS G 152 16.79 -15.57 -15.77
N THR G 153 15.96 -14.70 -15.21
CA THR G 153 15.94 -13.29 -15.61
C THR G 153 17.27 -12.64 -15.32
N GLU G 154 17.90 -13.06 -14.22
CA GLU G 154 19.24 -12.61 -13.86
C GLU G 154 20.24 -13.00 -14.95
N TYR G 155 20.15 -14.26 -15.37
CA TYR G 155 20.98 -14.77 -16.45
C TYR G 155 20.73 -13.98 -17.74
N ILE G 156 19.46 -13.77 -18.05
CA ILE G 156 19.05 -13.02 -19.24
C ILE G 156 19.66 -11.62 -19.24
N ASN G 157 19.73 -11.00 -18.06
CA ASN G 157 20.11 -9.60 -17.96
C ASN G 157 21.58 -9.32 -17.66
N THR G 158 22.30 -10.31 -17.11
CA THR G 158 23.72 -10.09 -16.80
C THR G 158 24.64 -11.21 -17.27
N GLY G 159 24.06 -12.32 -17.74
CA GLY G 159 24.85 -13.39 -18.32
C GLY G 159 25.14 -14.56 -17.40
N LEU G 160 25.78 -15.58 -17.96
CA LEU G 160 26.13 -16.77 -17.22
C LEU G 160 27.37 -16.56 -16.33
N VAL H 1 -45.52 1.77 2.57
CA VAL H 1 -44.69 0.74 1.96
C VAL H 1 -44.32 1.13 0.53
N LEU H 2 -45.13 1.99 -0.08
CA LEU H 2 -44.91 2.40 -1.47
C LEU H 2 -44.90 3.92 -1.61
N ASP H 3 -43.93 4.43 -2.37
CA ASP H 3 -43.71 5.87 -2.49
C ASP H 3 -44.25 6.41 -3.81
N GLY H 4 -45.51 6.86 -3.78
CA GLY H 4 -46.13 7.44 -4.96
C GLY H 4 -47.65 7.40 -4.88
N PRO H 5 -48.33 7.59 -6.01
CA PRO H 5 -47.69 7.87 -7.31
C PRO H 5 -47.46 9.36 -7.55
N TYR H 6 -46.43 9.69 -8.32
CA TYR H 6 -46.16 11.07 -8.68
C TYR H 6 -46.57 11.34 -10.13
N GLN H 7 -46.95 12.58 -10.40
CA GLN H 7 -47.38 12.98 -11.74
C GLN H 7 -46.19 13.09 -12.70
N PRO H 8 -46.44 12.85 -14.00
CA PRO H 8 -45.43 12.98 -15.05
C PRO H 8 -44.63 14.27 -14.97
N VAL H 9 -43.31 14.17 -15.10
CA VAL H 9 -42.43 15.31 -14.89
C VAL H 9 -41.02 15.00 -15.37
N ALA H 10 -40.24 16.05 -15.61
CA ALA H 10 -38.83 15.91 -15.95
C ALA H 10 -37.97 16.26 -14.74
N PHE H 11 -37.05 15.36 -14.40
CA PHE H 11 -36.19 15.57 -13.26
C PHE H 11 -34.97 14.67 -13.32
N LYS H 12 -33.97 14.91 -12.48
CA LYS H 12 -32.82 14.03 -12.39
C LYS H 12 -33.02 13.18 -11.13
N PRO H 13 -33.27 11.87 -11.32
CA PRO H 13 -33.42 10.94 -10.21
C PRO H 13 -32.10 10.71 -9.48
N PRO H 14 -32.16 10.53 -8.15
CA PRO H 14 -30.92 10.24 -7.42
C PRO H 14 -30.50 8.79 -7.62
N ASN H 15 -29.25 8.48 -7.30
CA ASN H 15 -28.74 7.12 -7.48
C ASN H 15 -29.42 6.11 -6.56
N ASP H 16 -29.40 4.85 -6.98
CA ASP H 16 -29.91 3.73 -6.20
C ASP H 16 -31.38 3.87 -5.82
N TYR H 17 -32.19 4.39 -6.74
CA TYR H 17 -33.64 4.39 -6.59
C TYR H 17 -34.32 3.92 -7.88
N TRP H 18 -35.25 2.98 -7.75
CA TRP H 18 -36.03 2.54 -8.91
C TRP H 18 -37.17 3.51 -9.19
N ILE H 19 -37.31 3.88 -10.46
CA ILE H 19 -38.47 4.65 -10.90
C ILE H 19 -39.45 3.72 -11.60
N LEU H 20 -40.55 3.39 -10.91
CA LEU H 20 -41.52 2.45 -11.44
C LEU H 20 -42.70 3.16 -12.10
N VAL H 21 -42.66 3.27 -13.42
CA VAL H 21 -43.69 3.98 -14.17
C VAL H 21 -44.90 3.09 -14.44
N ASN H 22 -46.09 3.65 -14.24
CA ASN H 22 -47.33 2.92 -14.52
C ASN H 22 -47.95 3.39 -15.83
N SER H 23 -47.59 2.70 -16.92
CA SER H 23 -48.07 3.05 -18.24
C SER H 23 -49.56 2.79 -18.40
N ASN H 24 -50.19 3.54 -19.31
CA ASN H 24 -51.59 3.29 -19.65
C ASN H 24 -51.83 3.27 -21.16
N SER H 25 -51.46 4.35 -21.84
CA SER H 25 -51.67 4.46 -23.28
C SER H 25 -50.51 3.87 -24.06
N ASN H 26 -50.53 4.04 -25.37
CA ASN H 26 -49.45 3.57 -26.22
C ASN H 26 -48.64 4.74 -26.79
N GLY H 27 -47.34 4.53 -26.93
CA GLY H 27 -46.44 5.58 -27.37
C GLY H 27 -45.27 5.71 -26.42
N VAL H 28 -44.67 6.89 -26.36
CA VAL H 28 -43.53 7.14 -25.49
C VAL H 28 -43.95 7.15 -24.03
N VAL H 29 -43.41 6.21 -23.26
CA VAL H 29 -43.69 6.13 -21.83
C VAL H 29 -42.65 6.93 -21.05
N LEU H 30 -41.42 6.90 -21.54
CA LEU H 30 -40.28 7.41 -20.79
C LEU H 30 -39.11 7.72 -21.71
N GLU H 31 -38.52 8.89 -21.54
CA GLU H 31 -37.23 9.18 -22.16
C GLU H 31 -36.31 9.88 -21.18
N GLY H 32 -35.01 9.78 -21.44
CA GLY H 32 -34.01 10.39 -20.58
C GLY H 32 -32.65 10.45 -21.24
N THR H 33 -31.88 11.50 -20.90
CA THR H 33 -30.58 11.70 -21.52
C THR H 33 -29.65 12.53 -20.65
N ASN H 34 -28.35 12.41 -20.91
CA ASN H 34 -27.36 13.30 -20.29
C ASN H 34 -26.78 14.23 -21.35
N ASN H 35 -27.34 14.16 -22.56
CA ASN H 35 -26.92 14.97 -23.70
C ASN H 35 -25.46 14.75 -24.07
N THR H 36 -24.91 13.60 -23.66
CA THR H 36 -23.53 13.25 -23.98
C THR H 36 -23.42 11.87 -24.60
N ASP H 37 -23.68 10.83 -23.81
CA ASP H 37 -23.48 9.47 -24.27
C ASP H 37 -24.67 8.55 -24.01
N VAL H 38 -25.78 9.10 -23.53
CA VAL H 38 -26.96 8.29 -23.22
C VAL H 38 -28.26 8.92 -23.69
N TRP H 39 -28.95 8.23 -24.59
CA TRP H 39 -30.31 8.59 -24.98
C TRP H 39 -31.19 7.36 -24.92
N VAL H 40 -32.17 7.36 -24.03
CA VAL H 40 -33.07 6.21 -23.93
C VAL H 40 -34.52 6.67 -24.03
N ALA H 41 -35.33 5.86 -24.71
CA ALA H 41 -36.76 6.11 -24.82
C ALA H 41 -37.51 4.78 -24.81
N ILE H 42 -38.55 4.71 -24.00
CA ILE H 42 -39.34 3.49 -23.86
C ILE H 42 -40.71 3.64 -24.50
N ILE H 43 -40.95 2.87 -25.55
CA ILE H 43 -42.16 2.98 -26.35
C ILE H 43 -43.11 1.82 -26.09
N SER H 44 -44.38 2.15 -25.85
CA SER H 44 -45.39 1.13 -25.57
C SER H 44 -46.24 0.79 -26.80
N ILE H 45 -46.35 -0.49 -27.09
CA ILE H 45 -47.21 -0.97 -28.17
C ILE H 45 -48.29 -1.89 -27.60
N GLU H 46 -49.54 -1.67 -28.01
CA GLU H 46 -50.67 -2.45 -27.50
C GLU H 46 -50.67 -3.87 -28.06
N PRO H 47 -51.41 -4.78 -27.41
CA PRO H 47 -51.52 -6.17 -27.88
C PRO H 47 -52.04 -6.31 -29.31
N ASN H 48 -51.64 -7.39 -29.97
CA ASN H 48 -52.17 -7.78 -31.28
C ASN H 48 -52.02 -6.73 -32.37
N VAL H 49 -50.78 -6.28 -32.56
CA VAL H 49 -50.46 -5.34 -33.64
C VAL H 49 -49.57 -6.01 -34.67
N ASN H 50 -50.07 -6.14 -35.90
CA ASN H 50 -49.26 -6.68 -36.98
C ASN H 50 -48.21 -5.67 -37.40
N SER H 51 -47.15 -6.17 -38.05
CA SER H 51 -46.02 -5.34 -38.46
C SER H 51 -46.47 -4.09 -39.22
N GLU H 52 -46.13 -2.93 -38.67
CA GLU H 52 -46.49 -1.66 -39.28
C GLU H 52 -45.52 -0.57 -38.82
N SER H 53 -45.66 0.62 -39.39
CA SER H 53 -44.80 1.74 -39.03
C SER H 53 -45.61 2.83 -38.32
N ARG H 54 -45.04 3.38 -37.26
CA ARG H 54 -45.70 4.43 -36.50
C ARG H 54 -44.78 5.63 -36.28
N GLN H 55 -45.37 6.81 -36.19
CA GLN H 55 -44.62 8.04 -35.97
C GLN H 55 -44.50 8.35 -34.48
N TYR H 56 -43.30 8.72 -34.05
CA TYR H 56 -43.07 9.12 -32.68
C TYR H 56 -42.22 10.37 -32.62
N SER H 57 -42.25 11.05 -31.48
CA SER H 57 -41.39 12.20 -31.25
C SER H 57 -40.44 11.91 -30.09
N LEU H 58 -39.17 11.67 -30.42
CA LEU H 58 -38.16 11.38 -29.42
C LEU H 58 -37.22 12.55 -29.26
N PHE H 59 -37.32 13.23 -28.12
CA PHE H 59 -36.50 14.40 -27.82
C PHE H 59 -36.67 15.49 -28.88
N GLY H 60 -37.89 15.68 -29.34
CA GLY H 60 -38.20 16.73 -30.29
C GLY H 60 -38.09 16.33 -31.75
N VAL H 61 -37.45 15.19 -32.02
CA VAL H 61 -37.23 14.76 -33.40
C VAL H 61 -38.26 13.72 -33.85
N ASN H 62 -38.75 13.87 -35.08
CA ASN H 62 -39.72 12.94 -35.64
C ASN H 62 -39.06 11.63 -36.06
N LYS H 63 -39.63 10.51 -35.60
CA LYS H 63 -39.09 9.20 -35.88
C LYS H 63 -40.15 8.24 -36.38
N GLN H 64 -39.87 7.58 -37.50
CA GLN H 64 -40.71 6.47 -37.96
C GLN H 64 -40.05 5.17 -37.56
N ILE H 65 -40.72 4.43 -36.69
CA ILE H 65 -40.18 3.18 -36.18
C ILE H 65 -41.07 2.02 -36.59
N THR H 66 -40.46 0.91 -36.96
CA THR H 66 -41.22 -0.30 -37.23
C THR H 66 -41.58 -0.97 -35.92
N VAL H 67 -42.87 -1.29 -35.75
CA VAL H 67 -43.31 -1.99 -34.55
C VAL H 67 -44.11 -3.23 -34.91
N VAL H 68 -44.18 -4.16 -33.97
CA VAL H 68 -44.94 -5.39 -34.14
C VAL H 68 -45.15 -6.04 -32.77
N ASN H 69 -46.37 -6.51 -32.53
CA ASN H 69 -46.70 -7.17 -31.27
C ASN H 69 -47.89 -8.13 -31.44
N THR H 70 -47.56 -9.40 -31.74
CA THR H 70 -48.57 -10.41 -32.02
C THR H 70 -49.06 -11.15 -30.77
N SER H 71 -48.58 -10.74 -29.60
CA SER H 71 -49.01 -11.37 -28.35
C SER H 71 -50.16 -10.59 -27.75
N ASN H 72 -50.84 -11.17 -26.76
CA ASN H 72 -51.95 -10.46 -26.11
C ASN H 72 -51.45 -9.67 -24.91
N LYS H 73 -50.14 -9.53 -24.79
CA LYS H 73 -49.52 -8.68 -23.78
C LYS H 73 -49.06 -7.38 -24.42
N TRP H 74 -48.80 -6.38 -23.59
CA TRP H 74 -48.26 -5.11 -24.08
C TRP H 74 -46.76 -5.23 -24.30
N LYS H 75 -46.26 -4.47 -25.27
CA LYS H 75 -44.84 -4.52 -25.63
C LYS H 75 -44.16 -3.20 -25.29
N PHE H 76 -42.98 -3.30 -24.70
CA PHE H 76 -42.21 -2.10 -24.36
C PHE H 76 -40.82 -2.17 -24.96
N MET H 77 -40.61 -1.36 -26.01
CA MET H 77 -39.34 -1.32 -26.71
C MET H 77 -38.40 -0.28 -26.10
N GLU H 78 -37.19 -0.70 -25.77
CA GLU H 78 -36.16 0.22 -25.31
C GLU H 78 -35.38 0.77 -26.49
N MET H 79 -35.59 2.04 -26.81
CA MET H 79 -34.86 2.68 -27.89
C MET H 79 -33.62 3.36 -27.33
N PHE H 80 -32.47 3.11 -27.94
CA PHE H 80 -31.20 3.55 -27.38
C PHE H 80 -30.19 3.97 -28.44
N ARG H 81 -29.39 4.98 -28.08
CA ARG H 81 -28.20 5.38 -28.83
C ARG H 81 -27.21 5.99 -27.85
N ASN H 82 -25.92 5.94 -28.17
CA ASN H 82 -24.91 6.47 -27.26
C ASN H 82 -24.15 7.65 -27.85
N ASN H 83 -24.79 8.38 -28.75
CA ASN H 83 -24.14 9.49 -29.44
C ASN H 83 -25.17 10.41 -30.10
N SER H 84 -24.89 11.71 -30.10
CA SER H 84 -25.81 12.68 -30.67
C SER H 84 -25.92 12.52 -32.18
N ASN H 85 -24.89 11.97 -32.81
CA ASN H 85 -24.85 11.85 -34.26
C ASN H 85 -25.16 10.45 -34.78
N ALA H 86 -25.81 9.64 -33.95
CA ALA H 86 -26.22 8.31 -34.35
C ALA H 86 -27.74 8.18 -34.34
N GLU H 87 -28.26 7.16 -35.01
CA GLU H 87 -29.69 6.91 -34.99
C GLU H 87 -30.06 5.98 -33.85
N PHE H 88 -31.26 6.16 -33.30
CA PHE H 88 -31.78 5.28 -32.25
C PHE H 88 -31.85 3.84 -32.75
N GLN H 89 -31.62 2.90 -31.84
CA GLN H 89 -31.74 1.48 -32.17
C GLN H 89 -32.68 0.81 -31.19
N HIS H 90 -33.30 -0.28 -31.62
CA HIS H 90 -34.12 -1.09 -30.74
C HIS H 90 -33.24 -2.06 -29.98
N LYS H 91 -32.96 -1.74 -28.73
CA LYS H 91 -31.97 -2.48 -27.94
C LYS H 91 -32.57 -3.65 -27.18
N ARG H 92 -33.67 -3.40 -26.47
CA ARG H 92 -34.29 -4.41 -25.64
C ARG H 92 -35.81 -4.43 -25.76
N THR H 93 -36.42 -5.48 -25.24
CA THR H 93 -37.86 -5.61 -25.27
C THR H 93 -38.41 -6.14 -23.95
N LEU H 94 -39.37 -5.42 -23.38
CA LEU H 94 -40.12 -5.90 -22.23
C LEU H 94 -41.53 -6.27 -22.66
N THR H 95 -41.88 -7.54 -22.53
CA THR H 95 -43.22 -8.01 -22.85
C THR H 95 -43.99 -8.25 -21.55
N SER H 96 -45.06 -7.49 -21.35
CA SER H 96 -45.68 -7.43 -20.05
C SER H 96 -47.21 -7.42 -20.08
N SER H 97 -47.81 -8.00 -19.05
CA SER H 97 -49.24 -7.95 -18.85
C SER H 97 -49.60 -6.94 -17.77
N THR H 98 -48.57 -6.38 -17.14
CA THR H 98 -48.75 -5.47 -16.01
C THR H 98 -48.57 -4.00 -16.39
N LYS H 99 -47.90 -3.77 -17.52
CA LYS H 99 -47.65 -2.43 -18.04
C LYS H 99 -46.83 -1.56 -17.09
N LEU H 100 -46.09 -2.19 -16.18
CA LEU H 100 -45.19 -1.48 -15.30
C LEU H 100 -43.79 -1.47 -15.88
N VAL H 101 -43.15 -0.30 -15.87
CA VAL H 101 -41.82 -0.12 -16.44
C VAL H 101 -40.90 0.62 -15.47
N GLY H 102 -39.67 0.12 -15.32
CA GLY H 102 -38.73 0.69 -14.37
C GLY H 102 -37.41 1.16 -14.96
N ILE H 103 -36.77 2.11 -14.29
CA ILE H 103 -35.45 2.59 -14.69
C ILE H 103 -34.63 2.95 -13.44
N LEU H 104 -33.35 2.61 -13.47
CA LEU H 104 -32.49 2.78 -12.30
C LEU H 104 -31.08 3.24 -12.64
N LYS H 105 -30.58 4.21 -11.88
CA LYS H 105 -29.20 4.66 -12.00
C LYS H 105 -28.36 4.09 -10.84
N HIS H 106 -27.48 3.15 -11.14
CA HIS H 106 -26.62 2.57 -10.12
C HIS H 106 -25.31 2.01 -10.67
N GLY H 107 -24.23 2.23 -9.93
CA GLY H 107 -22.94 1.62 -10.21
C GLY H 107 -22.35 1.93 -11.57
N GLY H 108 -22.48 3.17 -12.00
CA GLY H 108 -21.96 3.58 -13.30
C GLY H 108 -22.74 3.00 -14.46
N ARG H 109 -23.93 2.49 -14.18
CA ARG H 109 -24.75 1.83 -15.20
C ARG H 109 -26.19 2.31 -15.18
N LEU H 110 -26.87 2.13 -16.31
CA LEU H 110 -28.28 2.47 -16.44
C LEU H 110 -29.07 1.19 -16.56
N TRP H 111 -29.97 0.93 -15.60
CA TRP H 111 -30.69 -0.33 -15.53
C TRP H 111 -32.16 -0.21 -15.91
N THR H 112 -32.64 -1.16 -16.70
CA THR H 112 -34.07 -1.31 -17.00
C THR H 112 -34.43 -2.80 -16.93
N TYR H 113 -35.71 -3.10 -17.11
CA TYR H 113 -36.16 -4.49 -17.17
C TYR H 113 -36.41 -4.95 -18.60
N HIS H 114 -36.20 -6.23 -18.85
CA HIS H 114 -36.52 -6.80 -20.16
C HIS H 114 -36.92 -8.27 -20.03
N GLY H 115 -37.37 -8.86 -21.13
CA GLY H 115 -37.86 -10.22 -21.13
C GLY H 115 -39.37 -10.23 -21.07
N GLU H 116 -39.94 -11.33 -20.62
CA GLU H 116 -41.38 -11.46 -20.55
C GLU H 116 -41.89 -11.80 -19.16
N THR H 117 -42.94 -11.11 -18.71
CA THR H 117 -43.56 -11.38 -17.42
C THR H 117 -44.15 -12.80 -17.44
N PRO H 118 -44.13 -13.49 -16.29
CA PRO H 118 -43.66 -13.03 -14.97
C PRO H 118 -42.16 -13.28 -14.73
N ASN H 119 -41.37 -13.30 -15.79
CA ASN H 119 -39.96 -13.67 -15.65
C ASN H 119 -38.99 -12.60 -16.14
N ALA H 120 -39.40 -11.33 -16.05
CA ALA H 120 -38.54 -10.23 -16.49
C ALA H 120 -37.36 -10.04 -15.55
N THR H 121 -36.24 -9.61 -16.12
CA THR H 121 -35.02 -9.39 -15.35
C THR H 121 -34.41 -8.04 -15.68
N THR H 122 -33.50 -7.58 -14.84
CA THR H 122 -32.82 -6.31 -15.06
C THR H 122 -31.66 -6.48 -16.04
N ASP H 123 -31.40 -5.43 -16.81
CA ASP H 123 -30.23 -5.40 -17.68
C ASP H 123 -29.76 -3.96 -17.81
N TYR H 124 -28.50 -3.79 -18.22
CA TYR H 124 -27.87 -2.48 -18.13
C TYR H 124 -27.37 -1.90 -19.45
N SER H 125 -27.31 -0.58 -19.50
CA SER H 125 -26.53 0.12 -20.50
C SER H 125 -25.35 0.77 -19.78
N THR H 126 -24.24 0.97 -20.48
CA THR H 126 -23.06 1.53 -19.84
C THR H 126 -22.96 3.03 -20.10
N THR H 127 -22.39 3.76 -19.16
CA THR H 127 -22.25 5.21 -19.29
C THR H 127 -21.06 5.73 -18.49
N SER H 128 -20.60 6.92 -18.84
CA SER H 128 -19.49 7.55 -18.14
C SER H 128 -19.95 8.82 -17.44
N ASN H 129 -21.18 9.23 -17.74
CA ASN H 129 -21.76 10.44 -17.17
C ASN H 129 -23.11 10.12 -16.54
N LEU H 130 -23.10 9.19 -15.60
CA LEU H 130 -24.33 8.64 -15.03
C LEU H 130 -25.14 9.66 -14.23
N ASN H 131 -24.46 10.50 -13.46
CA ASN H 131 -25.14 11.41 -12.54
C ASN H 131 -25.99 12.47 -13.22
N GLU H 132 -25.57 12.94 -14.39
CA GLU H 132 -26.27 14.04 -15.06
C GLU H 132 -27.48 13.58 -15.86
N ILE H 133 -27.70 12.26 -15.93
CA ILE H 133 -28.84 11.73 -16.65
C ILE H 133 -30.15 12.14 -15.97
N SER H 134 -30.95 12.93 -16.69
CA SER H 134 -32.27 13.31 -16.20
C SER H 134 -33.34 12.47 -16.88
N VAL H 135 -34.55 12.50 -16.35
CA VAL H 135 -35.60 11.61 -16.83
C VAL H 135 -36.95 12.32 -16.92
N THR H 136 -37.62 12.16 -18.07
CA THR H 136 -38.97 12.67 -18.25
C THR H 136 -39.96 11.52 -18.37
N THR H 137 -40.77 11.32 -17.33
CA THR H 137 -41.85 10.34 -17.39
C THR H 137 -43.06 10.97 -18.06
N TYR H 138 -43.82 10.15 -18.78
CA TYR H 138 -45.07 10.60 -19.37
C TYR H 138 -46.26 9.88 -18.74
N ALA H 139 -46.00 9.26 -17.59
CA ALA H 139 -47.05 8.59 -16.83
C ALA H 139 -46.70 8.60 -15.34
N GLU H 140 -47.67 8.27 -14.51
CA GLU H 140 -47.48 8.19 -13.07
C GLU H 140 -46.36 7.21 -12.70
N PHE H 141 -45.64 7.49 -11.62
CA PHE H 141 -44.55 6.60 -11.23
C PHE H 141 -44.37 6.48 -9.73
N TYR H 142 -43.55 5.52 -9.33
CA TYR H 142 -43.23 5.25 -7.93
C TYR H 142 -41.72 5.22 -7.71
N ILE H 143 -41.28 5.65 -6.54
CA ILE H 143 -39.87 5.59 -6.18
C ILE H 143 -39.61 4.48 -5.16
N ILE H 144 -38.73 3.54 -5.52
CA ILE H 144 -38.41 2.42 -4.64
C ILE H 144 -36.90 2.23 -4.56
N PRO H 145 -36.36 2.27 -3.33
CA PRO H 145 -34.91 2.14 -3.13
C PRO H 145 -34.37 0.81 -3.63
N ARG H 146 -33.11 0.80 -4.10
CA ARG H 146 -32.48 -0.40 -4.61
C ARG H 146 -32.51 -1.53 -3.57
N SER H 147 -32.53 -1.14 -2.29
CA SER H 147 -32.66 -2.09 -1.19
C SER H 147 -33.89 -2.96 -1.37
N GLN H 148 -34.99 -2.36 -1.81
CA GLN H 148 -36.23 -3.08 -2.01
C GLN H 148 -36.46 -3.43 -3.49
N GLU H 149 -35.39 -3.76 -4.19
CA GLU H 149 -35.49 -4.11 -5.61
C GLU H 149 -36.27 -5.40 -5.80
N SER H 150 -36.11 -6.31 -4.84
CA SER H 150 -36.84 -7.59 -4.87
C SER H 150 -38.34 -7.36 -4.99
N LYS H 151 -38.82 -6.29 -4.35
CA LYS H 151 -40.23 -5.91 -4.45
C LYS H 151 -40.55 -5.30 -5.81
N CYS H 152 -39.60 -4.52 -6.34
CA CYS H 152 -39.77 -3.89 -7.63
C CYS H 152 -39.92 -4.92 -8.75
N THR H 153 -39.03 -5.90 -8.76
CA THR H 153 -39.06 -6.96 -9.75
C THR H 153 -40.39 -7.70 -9.73
N GLU H 154 -40.93 -7.88 -8.53
CA GLU H 154 -42.21 -8.55 -8.36
C GLU H 154 -43.35 -7.67 -8.87
N TYR H 155 -43.24 -6.36 -8.67
CA TYR H 155 -44.21 -5.42 -9.21
C TYR H 155 -44.20 -5.45 -10.74
N ILE H 156 -43.00 -5.45 -11.31
CA ILE H 156 -42.82 -5.50 -12.76
C ILE H 156 -43.47 -6.75 -13.36
N ASN H 157 -43.42 -7.85 -12.63
CA ASN H 157 -43.82 -9.14 -13.16
C ASN H 157 -45.24 -9.61 -12.82
N THR H 158 -45.80 -9.12 -11.73
CA THR H 158 -47.16 -9.54 -11.34
C THR H 158 -48.09 -8.38 -10.99
N GLY H 159 -47.56 -7.16 -11.00
CA GLY H 159 -48.37 -5.98 -10.79
C GLY H 159 -48.40 -5.47 -9.36
N LEU H 160 -49.21 -4.43 -9.14
CA LEU H 160 -49.31 -3.80 -7.82
C LEU H 160 -50.28 -4.52 -6.90
S SO4 I . 27.24 25.88 27.21
O1 SO4 I . 27.55 26.56 28.38
O2 SO4 I . 27.29 24.53 27.45
O3 SO4 I . 28.22 26.09 26.23
O4 SO4 I . 26.03 26.34 26.70
S SO4 J . 9.58 -14.94 14.64
O1 SO4 J . 10.02 -14.29 15.80
O2 SO4 J . 8.17 -14.87 14.51
O3 SO4 J . 9.94 -16.28 14.73
O4 SO4 J . 10.22 -14.36 13.54
S SO4 K . 26.02 34.95 -14.95
O1 SO4 K . 25.94 33.90 -13.98
O2 SO4 K . 25.76 36.20 -14.37
O3 SO4 K . 27.27 34.93 -15.60
O4 SO4 K . 24.99 34.72 -15.87
S SO4 L . 8.70 -4.13 -27.52
O1 SO4 L . 9.07 -3.74 -26.19
O2 SO4 L . 7.41 -4.72 -27.56
O3 SO4 L . 8.70 -2.97 -28.31
O4 SO4 L . 9.62 -5.06 -28.01
#